data_3NND
#
_entry.id   3NND
#
_cell.length_a   80.742
_cell.length_b   118.427
_cell.length_c   93.464
_cell.angle_alpha   90.00
_cell.angle_beta   106.87
_cell.angle_gamma   90.00
#
_symmetry.space_group_name_H-M   'P 1 21 1'
#
loop_
_entity.id
_entity.type
_entity.pdbx_description
1 polymer 'Possible substrate binding protein of ABC transporter system'
2 water water
#
_entity_poly.entity_id   1
_entity_poly.type   'polypeptide(L)'
_entity_poly.pdbx_seq_one_letter_code
;(MSE)SLADDLKIALIYGKTGPLEAYAKQTETGL(MSE)(MSE)GLEYATKGT(MSE)TLDGRKIVVITKDDQSKPDLSK
AALAEAYQDDGADIAIGTSSSAAALADLPVAEENKKILIVEPAVADQITGEKWNRYIFRTGRNSSQDAISNAVAIGKQGV
TIATLAQDYAFGRDGVAAFKEALAKTGATLATEEYVPTTTTDFTAVGQRLFDALKDKPGKKIIWVIWAGGGDPLTKLQD
(MSE)DPKRYGIELSTGGNILPALAAYKRLPG(MSE)EGATYYYYDIPKNPINEWLVTEHQKRFNAPPDFFTAGGFSAA
(MSE)AVVTAVQKAKSTDTEKLIAA(MSE)EG(MSE)EFDTPKGK(MSE)VFRKEDHQALQS(MSE)YHFKVKVDPAVAW
AVLEEGHHHHHH
;
_entity_poly.pdbx_strand_id   B,A,C,D
#
# COMPACT_ATOMS: atom_id res chain seq x y z
N ASP A 6 41.90 -25.66 -21.62
CA ASP A 6 41.00 -25.78 -20.47
C ASP A 6 39.90 -24.73 -20.51
N LEU A 7 39.15 -24.64 -19.41
CA LEU A 7 38.15 -23.60 -19.21
C LEU A 7 38.32 -23.03 -17.80
N LYS A 8 38.89 -21.83 -17.73
CA LYS A 8 39.29 -21.29 -16.43
C LYS A 8 38.38 -20.17 -15.98
N ILE A 9 37.86 -20.31 -14.76
CA ILE A 9 36.87 -19.40 -14.22
C ILE A 9 37.42 -18.87 -12.92
N ALA A 10 37.38 -17.56 -12.75
CA ALA A 10 37.85 -16.96 -11.51
C ALA A 10 36.67 -16.52 -10.66
N LEU A 11 36.73 -16.84 -9.36
CA LEU A 11 35.72 -16.38 -8.43
C LEU A 11 36.38 -15.41 -7.47
N ILE A 12 35.92 -14.17 -7.47
CA ILE A 12 36.45 -13.20 -6.54
C ILE A 12 35.48 -13.18 -5.42
N TYR A 13 35.97 -13.11 -4.19
CA TYR A 13 35.05 -13.00 -3.06
C TYR A 13 35.73 -12.62 -1.76
N GLY A 14 34.96 -12.02 -0.87
CA GLY A 14 35.43 -11.73 0.47
C GLY A 14 35.43 -13.02 1.26
N LYS A 15 36.33 -13.94 0.89
CA LYS A 15 36.44 -15.23 1.58
C LYS A 15 36.72 -15.05 3.05
N THR A 16 37.36 -13.94 3.40
CA THR A 16 37.54 -13.57 4.81
C THR A 16 37.23 -12.10 4.96
N GLY A 17 36.90 -11.68 6.18
CA GLY A 17 36.50 -10.31 6.42
C GLY A 17 34.99 -10.19 6.56
N PRO A 18 34.49 -8.95 6.58
CA PRO A 18 33.11 -8.59 6.89
C PRO A 18 32.02 -9.36 6.14
N LEU A 19 32.22 -9.73 4.88
CA LEU A 19 31.17 -10.44 4.14
C LEU A 19 31.44 -11.95 3.97
N GLU A 20 32.24 -12.51 4.87
CA GLU A 20 32.75 -13.86 4.75
C GLU A 20 31.66 -14.94 4.78
N ALA A 21 30.55 -14.66 5.46
CA ALA A 21 29.45 -15.61 5.56
C ALA A 21 28.87 -15.82 4.17
N TYR A 22 28.60 -14.72 3.50
CA TYR A 22 28.11 -14.75 2.12
C TYR A 22 29.09 -15.41 1.16
N ALA A 23 30.33 -14.94 1.15
CA ALA A 23 31.36 -15.52 0.30
C ALA A 23 31.33 -17.06 0.30
N LYS A 24 31.17 -17.68 1.47
CA LYS A 24 31.12 -19.14 1.53
C LYS A 24 29.95 -19.75 0.73
N GLN A 25 28.80 -19.09 0.80
CA GLN A 25 27.66 -19.50 0.02
C GLN A 25 27.89 -19.36 -1.47
N THR A 26 28.52 -18.26 -1.87
CA THR A 26 28.72 -18.02 -3.30
C THR A 26 29.52 -19.16 -3.92
N GLU A 27 30.60 -19.56 -3.25
CA GLU A 27 31.49 -20.59 -3.73
C GLU A 27 30.85 -21.98 -3.78
N THR A 28 30.32 -22.43 -2.64
CA THR A 28 29.61 -23.70 -2.62
C THR A 28 28.62 -23.70 -3.77
N GLY A 29 27.91 -22.60 -3.91
CA GLY A 29 26.87 -22.49 -4.92
C GLY A 29 27.45 -22.67 -6.31
N LEU A 30 28.54 -21.96 -6.57
CA LEU A 30 29.17 -21.96 -7.88
C LEU A 30 29.75 -23.34 -8.16
N GLY A 33 26.70 -25.38 -9.16
CA GLY A 33 26.12 -25.03 -10.46
C GLY A 33 26.85 -25.75 -11.58
N LEU A 34 28.18 -25.67 -11.54
CA LEU A 34 29.05 -26.28 -12.53
C LEU A 34 28.85 -27.80 -12.58
N GLU A 35 28.80 -28.41 -11.40
CA GLU A 35 28.51 -29.84 -11.31
C GLU A 35 27.17 -30.18 -11.97
N TYR A 36 26.07 -29.55 -11.56
CA TYR A 36 24.78 -29.84 -12.16
C TYR A 36 24.80 -29.66 -13.65
N ALA A 37 25.47 -28.61 -14.13
CA ALA A 37 25.43 -28.29 -15.55
C ALA A 37 26.20 -29.28 -16.42
N THR A 38 27.14 -29.99 -15.81
CA THR A 38 28.01 -30.89 -16.56
C THR A 38 27.77 -32.34 -16.15
N LYS A 39 26.61 -32.59 -15.54
CA LYS A 39 26.27 -33.90 -15.00
C LYS A 39 27.46 -34.53 -14.26
N GLY A 40 28.10 -33.73 -13.42
CA GLY A 40 29.19 -34.19 -12.59
C GLY A 40 30.54 -34.37 -13.25
N THR A 41 30.66 -34.01 -14.54
CA THR A 41 31.92 -34.30 -15.24
C THR A 41 32.93 -33.17 -15.11
N THR A 43 33.51 -30.98 -17.03
CA THR A 43 34.07 -30.73 -18.34
C THR A 43 32.94 -30.40 -19.31
N LEU A 44 33.16 -29.38 -20.14
CA LEU A 44 32.16 -28.95 -21.10
C LEU A 44 32.75 -28.99 -22.50
N ASP A 45 32.06 -29.69 -23.40
CA ASP A 45 32.56 -29.92 -24.76
C ASP A 45 34.03 -30.29 -24.74
N GLY A 46 34.37 -31.38 -24.05
CA GLY A 46 35.74 -31.85 -24.02
C GLY A 46 36.71 -30.92 -23.32
N ARG A 47 36.20 -29.83 -22.77
CA ARG A 47 37.01 -28.87 -22.04
C ARG A 47 36.92 -29.16 -20.57
N LYS A 48 38.07 -29.16 -19.89
CA LYS A 48 38.09 -29.37 -18.45
C LYS A 48 37.83 -28.00 -17.79
N ILE A 49 37.00 -27.99 -16.74
CA ILE A 49 36.69 -26.74 -16.06
C ILE A 49 37.43 -26.58 -14.73
N VAL A 50 38.30 -25.58 -14.65
CA VAL A 50 38.98 -25.30 -13.38
C VAL A 50 38.50 -23.96 -12.83
N VAL A 51 38.46 -23.87 -11.51
CA VAL A 51 37.99 -22.67 -10.85
C VAL A 51 39.09 -22.13 -9.97
N ILE A 52 39.32 -20.84 -10.08
CA ILE A 52 40.38 -20.18 -9.32
C ILE A 52 39.72 -19.19 -8.38
N THR A 53 40.00 -19.32 -7.10
CA THR A 53 39.41 -18.41 -6.14
C THR A 53 40.43 -17.39 -5.62
N LYS A 54 39.93 -16.18 -5.40
CA LYS A 54 40.75 -15.05 -4.97
C LYS A 54 40.03 -14.31 -3.84
N ASP A 55 40.61 -14.38 -2.65
CA ASP A 55 40.09 -13.66 -1.49
C ASP A 55 40.47 -12.17 -1.58
N ASP A 56 39.46 -11.31 -1.72
CA ASP A 56 39.69 -9.87 -1.75
C ASP A 56 39.41 -9.20 -0.43
N GLN A 57 39.09 -10.00 0.58
CA GLN A 57 38.88 -9.50 1.94
C GLN A 57 37.84 -8.37 1.97
N SER A 58 37.09 -8.23 0.89
CA SER A 58 36.16 -7.13 0.79
C SER A 58 36.91 -5.80 0.84
N LYS A 59 38.13 -5.79 0.32
CA LYS A 59 38.84 -4.54 0.15
C LYS A 59 38.93 -4.28 -1.34
N PRO A 60 38.46 -3.10 -1.77
CA PRO A 60 38.51 -2.71 -3.19
C PRO A 60 39.92 -2.76 -3.80
N ASP A 61 40.90 -2.17 -3.10
CA ASP A 61 42.30 -2.19 -3.54
C ASP A 61 42.79 -3.61 -3.75
N LEU A 62 42.57 -4.47 -2.77
CA LEU A 62 42.92 -5.88 -2.86
C LEU A 62 42.16 -6.60 -3.97
N SER A 63 40.86 -6.34 -4.07
CA SER A 63 40.04 -6.98 -5.09
C SER A 63 40.41 -6.62 -6.53
N LYS A 64 40.86 -5.38 -6.75
CA LYS A 64 41.35 -5.00 -8.07
C LYS A 64 42.60 -5.81 -8.48
N ALA A 65 43.50 -6.02 -7.54
CA ALA A 65 44.71 -6.77 -7.80
C ALA A 65 44.37 -8.22 -8.04
N ALA A 66 43.63 -8.80 -7.09
CA ALA A 66 43.19 -10.19 -7.19
C ALA A 66 42.60 -10.48 -8.56
N LEU A 67 41.80 -9.56 -9.08
CA LEU A 67 41.13 -9.74 -10.38
C LEU A 67 42.13 -9.66 -11.53
N ALA A 68 42.96 -8.62 -11.51
CA ALA A 68 44.04 -8.51 -12.48
C ALA A 68 44.83 -9.80 -12.43
N GLU A 69 45.39 -10.10 -11.27
CA GLU A 69 46.14 -11.34 -11.07
C GLU A 69 45.40 -12.55 -11.66
N ALA A 70 44.11 -12.65 -11.37
CA ALA A 70 43.28 -13.76 -11.85
C ALA A 70 43.36 -13.91 -13.36
N TYR A 71 43.15 -12.82 -14.10
CA TYR A 71 43.20 -12.89 -15.55
C TYR A 71 44.63 -13.05 -16.06
N GLN A 72 45.48 -12.13 -15.62
CA GLN A 72 46.88 -12.01 -16.08
C GLN A 72 47.75 -13.22 -15.74
N ASP A 73 47.82 -13.55 -14.45
CA ASP A 73 48.70 -14.61 -13.97
C ASP A 73 48.16 -16.03 -14.16
N ASP A 74 46.87 -16.21 -13.94
CA ASP A 74 46.31 -17.55 -13.89
C ASP A 74 45.53 -17.88 -15.16
N GLY A 75 45.37 -16.89 -16.03
CA GLY A 75 44.75 -17.09 -17.33
C GLY A 75 43.26 -17.37 -17.25
N ALA A 76 42.61 -16.80 -16.23
CA ALA A 76 41.17 -16.94 -16.08
C ALA A 76 40.54 -16.38 -17.33
N ASP A 77 39.62 -17.15 -17.93
CA ASP A 77 38.96 -16.75 -19.16
C ASP A 77 37.75 -15.90 -18.88
N ILE A 78 37.33 -15.89 -17.62
CA ILE A 78 36.13 -15.17 -17.20
C ILE A 78 36.07 -15.12 -15.68
N ALA A 79 35.64 -14.01 -15.12
CA ALA A 79 35.58 -13.89 -13.68
C ALA A 79 34.16 -13.77 -13.18
N ILE A 80 33.97 -14.11 -11.90
CA ILE A 80 32.73 -13.88 -11.18
C ILE A 80 33.09 -13.17 -9.88
N GLY A 81 32.34 -12.13 -9.54
CA GLY A 81 32.53 -11.43 -8.29
C GLY A 81 31.76 -10.12 -8.27
N THR A 82 31.71 -9.49 -7.10
CA THR A 82 32.31 -10.05 -5.91
C THR A 82 31.38 -9.83 -4.71
N SER A 83 31.87 -10.14 -3.51
CA SER A 83 31.04 -10.08 -2.32
C SER A 83 30.61 -8.66 -1.97
N SER A 84 31.58 -7.76 -1.89
CA SER A 84 31.26 -6.40 -1.50
C SER A 84 30.80 -5.58 -2.69
N SER A 85 29.67 -4.90 -2.56
CA SER A 85 29.19 -3.98 -3.58
C SER A 85 30.31 -3.05 -4.08
N ALA A 86 31.02 -2.41 -3.15
CA ALA A 86 32.07 -1.46 -3.50
C ALA A 86 33.31 -2.09 -4.16
N ALA A 87 33.85 -3.15 -3.59
CA ALA A 87 35.02 -3.81 -4.18
C ALA A 87 34.69 -4.25 -5.60
N ALA A 88 33.39 -4.42 -5.87
CA ALA A 88 32.91 -4.79 -7.20
C ALA A 88 32.91 -3.61 -8.18
N LEU A 89 32.64 -2.39 -7.68
CA LEU A 89 32.71 -1.19 -8.51
C LEU A 89 34.14 -0.86 -8.89
N ALA A 90 35.09 -1.13 -8.01
CA ALA A 90 36.48 -0.93 -8.36
C ALA A 90 36.88 -1.82 -9.52
N ASP A 91 36.24 -3.00 -9.60
CA ASP A 91 36.65 -4.08 -10.48
C ASP A 91 36.24 -3.93 -11.92
N LEU A 92 35.14 -3.23 -12.16
CA LEU A 92 34.61 -3.05 -13.51
C LEU A 92 35.68 -2.66 -14.54
N PRO A 93 36.53 -1.67 -14.23
CA PRO A 93 37.62 -1.32 -15.13
C PRO A 93 38.59 -2.48 -15.39
N VAL A 94 39.01 -3.18 -14.34
CA VAL A 94 39.97 -4.27 -14.49
C VAL A 94 39.48 -5.27 -15.55
N ALA A 95 38.18 -5.54 -15.58
CA ALA A 95 37.60 -6.37 -16.63
C ALA A 95 37.88 -5.78 -18.00
N GLU A 96 37.60 -4.49 -18.15
CA GLU A 96 37.82 -3.78 -19.41
C GLU A 96 39.31 -3.72 -19.72
N GLU A 97 40.10 -3.24 -18.76
CA GLU A 97 41.53 -3.16 -18.94
C GLU A 97 42.11 -4.48 -19.38
N ASN A 98 41.54 -5.57 -18.89
CA ASN A 98 42.05 -6.90 -19.24
C ASN A 98 41.33 -7.60 -20.37
N LYS A 99 40.33 -6.93 -20.95
CA LYS A 99 39.57 -7.44 -22.10
C LYS A 99 38.91 -8.82 -21.89
N LYS A 100 38.38 -9.04 -20.70
CA LYS A 100 37.69 -10.28 -20.35
C LYS A 100 36.38 -9.97 -19.62
N ILE A 101 35.55 -10.99 -19.45
CA ILE A 101 34.22 -10.78 -18.87
C ILE A 101 34.24 -10.80 -17.34
N LEU A 102 33.41 -9.97 -16.72
CA LEU A 102 33.16 -10.04 -15.28
C LEU A 102 31.68 -10.13 -14.95
N ILE A 103 31.30 -11.24 -14.34
CA ILE A 103 29.92 -11.42 -13.89
C ILE A 103 29.85 -11.01 -12.43
N VAL A 104 29.02 -10.01 -12.17
CA VAL A 104 28.99 -9.34 -10.88
C VAL A 104 28.01 -10.02 -9.94
N GLU A 105 28.55 -10.59 -8.86
CA GLU A 105 27.80 -11.47 -8.00
C GLU A 105 28.58 -11.68 -6.71
N PRO A 106 27.93 -11.48 -5.56
CA PRO A 106 26.54 -11.00 -5.40
C PRO A 106 26.45 -9.48 -5.44
N ALA A 107 27.53 -8.79 -5.07
CA ALA A 107 27.53 -7.34 -4.91
C ALA A 107 26.19 -6.83 -4.37
N ASN A 118 30.48 -1.12 -18.50
CA ASN A 118 31.15 -1.43 -19.75
C ASN A 118 30.79 -2.79 -20.31
N ARG A 119 31.12 -3.00 -21.58
CA ARG A 119 30.67 -4.16 -22.31
C ARG A 119 31.15 -5.49 -21.75
N TYR A 120 32.08 -5.44 -20.80
CA TYR A 120 32.62 -6.66 -20.22
C TYR A 120 31.90 -7.08 -18.94
N ILE A 121 30.94 -6.26 -18.50
CA ILE A 121 30.19 -6.56 -17.30
C ILE A 121 28.80 -7.15 -17.60
N PHE A 122 28.46 -8.20 -16.88
CA PHE A 122 27.12 -8.76 -16.92
C PHE A 122 26.61 -8.85 -15.49
N ARG A 123 25.38 -8.40 -15.26
CA ARG A 123 24.87 -8.34 -13.91
C ARG A 123 23.86 -9.46 -13.65
N THR A 124 23.43 -9.58 -12.41
CA THR A 124 22.77 -10.78 -11.94
C THR A 124 21.26 -10.63 -11.71
N GLY A 125 20.76 -9.41 -11.83
CA GLY A 125 19.32 -9.18 -11.78
C GLY A 125 18.90 -8.56 -10.47
N ARG A 126 17.71 -7.98 -10.45
CA ARG A 126 17.16 -7.40 -9.22
C ARG A 126 16.23 -8.43 -8.60
N ASN A 127 16.35 -8.63 -7.30
CA ASN A 127 15.47 -9.57 -6.63
C ASN A 127 15.03 -9.08 -5.26
N SER A 128 14.18 -9.86 -4.61
CA SER A 128 13.58 -9.46 -3.34
C SER A 128 14.52 -9.61 -2.14
N SER A 129 15.49 -10.52 -2.22
CA SER A 129 16.51 -10.62 -1.16
C SER A 129 17.38 -9.37 -1.10
N GLN A 130 17.60 -8.77 -2.26
CA GLN A 130 18.42 -7.58 -2.37
C GLN A 130 17.70 -6.39 -1.78
N ASP A 131 16.44 -6.27 -2.18
CA ASP A 131 15.56 -5.26 -1.63
C ASP A 131 15.55 -5.39 -0.13
N ALA A 132 15.52 -6.64 0.33
CA ALA A 132 15.38 -6.93 1.75
C ALA A 132 16.67 -6.64 2.48
N ILE A 133 17.78 -7.04 1.89
CA ILE A 133 19.09 -6.63 2.38
C ILE A 133 19.18 -5.11 2.36
N SER A 134 18.75 -4.50 1.26
CA SER A 134 18.60 -3.05 1.16
C SER A 134 17.89 -2.46 2.38
N ASN A 135 16.67 -2.91 2.63
CA ASN A 135 15.90 -2.38 3.72
C ASN A 135 16.65 -2.52 5.02
N ALA A 136 17.09 -3.73 5.34
CA ALA A 136 17.81 -3.99 6.57
C ALA A 136 18.94 -2.98 6.74
N VAL A 137 19.72 -2.77 5.68
CA VAL A 137 20.78 -1.76 5.67
C VAL A 137 20.29 -0.36 6.04
N ALA A 138 19.29 0.12 5.32
CA ALA A 138 18.68 1.41 5.63
C ALA A 138 18.29 1.50 7.11
N ILE A 139 17.66 0.45 7.65
CA ILE A 139 17.24 0.45 9.05
C ILE A 139 18.42 0.64 10.01
N GLY A 140 19.49 -0.13 9.84
CA GLY A 140 20.66 0.02 10.66
C GLY A 140 21.25 1.42 10.64
N LYS A 141 21.08 2.13 9.52
CA LYS A 141 21.63 3.48 9.38
C LYS A 141 20.65 4.56 9.84
N GLN A 142 19.60 4.18 10.55
CA GLN A 142 18.62 5.14 11.01
C GLN A 142 18.46 5.02 12.51
N GLY A 143 17.70 5.93 13.10
CA GLY A 143 17.59 6.00 14.54
C GLY A 143 16.73 4.93 15.17
N VAL A 144 16.90 4.75 16.48
CA VAL A 144 16.03 3.87 17.23
C VAL A 144 15.58 4.56 18.51
N THR A 145 14.27 4.73 18.66
CA THR A 145 13.73 5.29 19.88
C THR A 145 12.89 4.26 20.60
N ILE A 146 13.09 4.14 21.91
CA ILE A 146 12.36 3.17 22.70
C ILE A 146 11.52 3.78 23.84
N ALA A 147 10.36 3.19 24.07
CA ALA A 147 9.51 3.55 25.20
C ALA A 147 9.22 2.24 25.93
N THR A 148 9.52 2.17 27.22
CA THR A 148 9.37 0.90 27.94
C THR A 148 8.04 0.84 28.70
N LEU A 149 7.47 -0.36 28.79
CA LEU A 149 6.24 -0.58 29.54
C LEU A 149 6.45 -1.73 30.49
N ALA A 150 6.23 -1.49 31.77
CA ALA A 150 6.49 -2.50 32.79
C ALA A 150 5.45 -2.48 33.89
N GLN A 151 5.66 -3.32 34.89
CA GLN A 151 4.82 -3.31 36.07
C GLN A 151 5.43 -2.42 37.14
N ASP A 152 4.58 -1.73 37.88
CA ASP A 152 5.04 -0.81 38.89
C ASP A 152 5.33 -1.54 40.20
N TYR A 153 6.37 -2.38 40.16
CA TYR A 153 6.92 -3.00 41.37
C TYR A 153 8.38 -3.40 41.18
N ALA A 154 8.94 -4.15 42.12
CA ALA A 154 10.39 -4.35 42.18
C ALA A 154 11.04 -4.83 40.88
N PHE A 155 10.56 -5.96 40.36
CA PHE A 155 11.25 -6.62 39.25
C PHE A 155 10.85 -6.18 37.85
N GLY A 156 9.77 -5.43 37.73
CA GLY A 156 9.50 -4.72 36.51
C GLY A 156 10.50 -3.57 36.42
N ARG A 157 10.75 -2.93 37.56
CA ARG A 157 11.64 -1.78 37.60
C ARG A 157 13.12 -2.16 37.54
N ASP A 158 13.47 -3.31 38.10
CA ASP A 158 14.83 -3.81 38.07
C ASP A 158 15.18 -4.33 36.67
N GLY A 159 14.20 -4.95 36.02
CA GLY A 159 14.39 -5.49 34.69
C GLY A 159 14.41 -4.42 33.60
N VAL A 160 13.84 -3.25 33.91
CA VAL A 160 13.91 -2.10 33.02
C VAL A 160 15.07 -1.24 33.49
N ALA A 161 16.08 -1.89 34.04
CA ALA A 161 17.33 -1.23 34.34
C ALA A 161 18.34 -2.09 33.60
N ALA A 162 18.22 -3.40 33.80
CA ALA A 162 18.98 -4.36 33.03
C ALA A 162 18.96 -3.92 31.58
N PHE A 163 17.74 -3.65 31.09
CA PHE A 163 17.53 -3.20 29.73
C PHE A 163 18.17 -1.84 29.48
N LYS A 164 17.89 -0.89 30.36
CA LYS A 164 18.40 0.47 30.22
C LYS A 164 19.91 0.39 30.08
N GLU A 165 20.49 -0.59 30.75
CA GLU A 165 21.92 -0.79 30.78
C GLU A 165 22.37 -1.33 29.43
N ALA A 166 21.67 -2.38 28.98
CA ALA A 166 21.91 -3.00 27.68
C ALA A 166 21.68 -2.00 26.58
N LEU A 167 20.51 -1.36 26.60
CA LEU A 167 20.18 -0.31 25.63
C LEU A 167 21.16 0.87 25.61
N ALA A 168 22.02 0.97 26.61
CA ALA A 168 22.90 2.13 26.73
C ALA A 168 24.21 1.88 26.00
N LYS A 169 24.36 0.69 25.48
CA LYS A 169 25.57 0.31 24.78
C LYS A 169 25.27 0.14 23.28
N THR A 170 24.08 0.61 22.87
CA THR A 170 23.59 0.42 21.50
C THR A 170 23.58 1.69 20.63
N GLY A 171 22.87 2.73 21.07
CA GLY A 171 22.78 3.96 20.30
C GLY A 171 21.37 4.45 20.07
N ALA A 172 20.42 3.79 20.72
CA ALA A 172 19.04 4.22 20.71
C ALA A 172 18.79 5.21 21.86
N THR A 173 17.78 6.05 21.71
CA THR A 173 17.40 6.94 22.77
C THR A 173 16.23 6.28 23.46
N LEU A 174 16.17 6.45 24.79
CA LEU A 174 15.01 6.02 25.57
C LEU A 174 14.15 7.24 25.92
N ALA A 175 13.00 7.34 25.28
CA ALA A 175 12.22 8.56 25.39
C ALA A 175 11.44 8.66 26.69
N THR A 176 11.06 7.53 27.27
CA THR A 176 10.16 7.54 28.43
C THR A 176 9.90 6.14 29.01
N GLU A 177 9.68 6.09 30.32
CA GLU A 177 9.32 4.85 30.98
C GLU A 177 7.91 4.89 31.58
N GLU A 178 7.09 3.90 31.22
CA GLU A 178 5.78 3.77 31.81
C GLU A 178 5.70 2.58 32.75
N TYR A 179 5.26 2.82 33.98
CA TYR A 179 5.07 1.78 34.96
C TYR A 179 3.62 1.72 35.39
N VAL A 180 2.94 0.64 35.03
CA VAL A 180 1.54 0.48 35.39
C VAL A 180 1.39 -0.51 36.54
N PRO A 181 0.21 -0.57 37.15
CA PRO A 181 0.06 -1.55 38.22
C PRO A 181 -0.41 -2.93 37.74
N THR A 182 -0.14 -3.94 38.55
CA THR A 182 -0.92 -5.17 38.54
C THR A 182 -0.84 -5.70 39.96
N THR A 185 -4.30 -3.84 34.23
CA THR A 185 -3.91 -2.66 33.44
C THR A 185 -3.05 -2.91 32.19
N ASP A 186 -3.36 -3.95 31.44
CA ASP A 186 -2.82 -4.10 30.10
C ASP A 186 -3.63 -3.09 29.27
N PHE A 187 -3.36 -1.77 29.37
CA PHE A 187 -4.45 -0.82 29.08
C PHE A 187 -4.28 0.41 28.15
N THR A 188 -5.40 1.11 27.98
CA THR A 188 -5.65 2.18 27.01
C THR A 188 -4.96 3.50 27.28
N ALA A 189 -5.19 4.05 28.47
CA ALA A 189 -4.56 5.29 28.88
C ALA A 189 -3.04 5.11 28.90
N VAL A 190 -2.60 3.92 29.28
CA VAL A 190 -1.18 3.60 29.26
C VAL A 190 -0.57 3.75 27.87
N GLY A 191 -1.14 3.02 26.90
CA GLY A 191 -0.56 2.96 25.58
C GLY A 191 -0.80 4.19 24.73
N GLN A 192 -1.36 5.22 25.33
CA GLN A 192 -1.67 6.45 24.63
C GLN A 192 -0.60 7.45 25.00
N ARG A 193 -0.20 7.35 26.26
CA ARG A 193 0.92 8.10 26.79
C ARG A 193 2.13 7.66 26.00
N LEU A 194 2.14 6.37 25.68
CA LEU A 194 3.19 5.68 24.91
C LEU A 194 3.21 6.02 23.42
N PHE A 195 2.05 6.08 22.79
CA PHE A 195 1.98 6.50 21.40
C PHE A 195 2.39 7.98 21.26
N ASP A 196 1.91 8.83 22.17
CA ASP A 196 2.17 10.26 22.10
C ASP A 196 3.63 10.56 22.38
N ALA A 197 4.35 9.56 22.86
CA ALA A 197 5.73 9.75 23.26
C ALA A 197 6.70 9.43 22.12
N LEU A 198 6.27 8.50 21.27
CA LEU A 198 7.12 7.96 20.21
C LEU A 198 6.74 8.59 18.88
N LYS A 199 5.50 9.04 18.80
CA LYS A 199 4.85 9.45 17.56
C LYS A 199 5.73 9.90 16.41
N ASP A 200 6.09 11.18 16.41
CA ASP A 200 6.52 11.80 15.17
C ASP A 200 8.02 11.79 14.96
N LYS A 201 8.71 11.06 15.82
CA LYS A 201 10.15 10.80 15.65
C LYS A 201 10.44 10.00 14.39
N PRO A 202 11.69 10.05 13.91
CA PRO A 202 12.21 9.05 12.98
C PRO A 202 13.27 8.22 13.71
N GLY A 203 13.57 7.01 13.24
CA GLY A 203 12.79 6.34 12.22
C GLY A 203 12.09 5.20 12.93
N LYS A 204 12.82 4.45 13.76
CA LYS A 204 12.22 3.36 14.52
C LYS A 204 11.61 3.80 15.83
N ILE A 206 9.60 2.07 19.00
CA ILE A 206 9.32 0.76 19.58
C ILE A 206 8.95 0.82 21.06
N ILE A 207 7.81 0.22 21.40
CA ILE A 207 7.47 0.01 22.80
C ILE A 207 7.96 -1.37 23.23
N TRP A 208 8.77 -1.41 24.28
CA TRP A 208 9.40 -2.62 24.74
C TRP A 208 8.75 -3.06 26.04
N VAL A 209 8.01 -4.17 25.98
CA VAL A 209 7.27 -4.63 27.14
C VAL A 209 8.09 -5.57 28.01
N ILE A 210 8.01 -5.35 29.32
CA ILE A 210 8.61 -6.25 30.30
C ILE A 210 7.54 -6.67 31.31
N TRP A 211 7.14 -7.94 31.21
CA TRP A 211 5.94 -8.40 31.91
C TRP A 211 6.05 -9.83 32.45
N ALA A 212 5.04 -10.23 33.22
CA ALA A 212 4.96 -11.55 33.85
C ALA A 212 3.51 -12.05 33.92
N PRO A 217 -0.88 -7.44 27.86
CA PRO A 217 -0.42 -6.07 27.65
C PRO A 217 -0.09 -5.85 26.17
N LEU A 218 0.81 -6.67 25.63
CA LEU A 218 1.04 -6.71 24.21
C LEU A 218 -0.28 -6.64 23.47
N THR A 219 -1.14 -7.65 23.70
CA THR A 219 -2.44 -7.80 23.04
C THR A 219 -3.30 -6.56 23.07
N LYS A 220 -3.56 -6.07 24.27
CA LYS A 220 -4.45 -4.93 24.46
C LYS A 220 -3.92 -3.74 23.66
N LEU A 221 -2.59 -3.62 23.64
CA LEU A 221 -1.88 -2.56 22.96
C LEU A 221 -2.01 -2.73 21.45
N GLN A 222 -1.81 -3.95 20.98
CA GLN A 222 -1.89 -4.29 19.57
C GLN A 222 -3.32 -4.09 19.02
N ASP A 223 -4.31 -4.08 19.89
CA ASP A 223 -5.67 -3.84 19.46
C ASP A 223 -5.86 -2.40 19.07
N ASP A 225 -3.45 -0.49 17.38
CA ASP A 225 -2.44 -0.12 16.39
C ASP A 225 -1.27 0.70 16.92
N LYS A 227 0.74 1.75 15.62
CA LYS A 227 1.38 1.52 14.35
C LYS A 227 0.85 2.37 13.25
N ARG A 228 -0.29 2.94 13.49
CA ARG A 228 -0.82 4.00 12.69
C ARG A 228 0.04 5.21 13.07
N TYR A 229 1.00 4.94 13.93
CA TYR A 229 1.93 5.91 14.47
C TYR A 229 3.36 5.53 14.05
N GLY A 230 3.51 4.38 13.42
CA GLY A 230 4.81 3.90 13.02
C GLY A 230 5.47 3.14 14.14
N ILE A 231 4.67 2.79 15.13
CA ILE A 231 5.18 2.14 16.35
C ILE A 231 5.11 0.61 16.31
N GLU A 232 6.18 -0.01 16.77
CA GLU A 232 6.25 -1.45 16.82
C GLU A 232 6.39 -1.90 18.26
N LEU A 233 5.92 -3.10 18.54
CA LEU A 233 5.99 -3.66 19.88
C LEU A 233 7.18 -4.62 19.95
N SER A 234 7.54 -4.99 21.17
CA SER A 234 8.62 -5.93 21.44
C SER A 234 8.26 -7.38 21.12
N THR A 235 7.06 -7.57 20.60
CA THR A 235 6.68 -8.82 19.94
C THR A 235 6.67 -8.50 18.47
N GLY A 236 7.01 -9.49 17.65
CA GLY A 236 7.18 -9.26 16.23
C GLY A 236 8.57 -9.74 15.92
N GLY A 237 8.85 -9.91 14.63
CA GLY A 237 10.13 -10.42 14.22
C GLY A 237 10.96 -9.32 13.62
N ASN A 238 12.20 -9.18 14.10
CA ASN A 238 13.15 -8.27 13.51
C ASN A 238 12.64 -6.83 13.55
N ILE A 239 12.15 -6.42 14.72
CA ILE A 239 11.66 -5.07 14.89
C ILE A 239 12.86 -4.18 15.15
N LEU A 240 13.98 -4.80 15.46
CA LEU A 240 15.21 -4.07 15.70
C LEU A 240 16.15 -4.10 14.50
N PRO A 241 17.00 -3.10 14.39
CA PRO A 241 18.10 -3.14 13.43
C PRO A 241 18.90 -4.43 13.58
N ALA A 242 19.39 -5.00 12.47
CA ALA A 242 20.19 -6.22 12.56
C ALA A 242 21.66 -5.97 12.90
N LEU A 243 21.89 -5.46 14.10
CA LEU A 243 23.23 -5.09 14.57
C LEU A 243 23.62 -5.85 15.84
N ALA A 244 24.87 -6.28 15.91
CA ALA A 244 25.33 -7.11 17.01
C ALA A 244 24.94 -6.52 18.34
N ALA A 245 24.98 -5.19 18.43
CA ALA A 245 24.66 -4.45 19.65
C ALA A 245 23.28 -4.80 20.21
N TYR A 246 22.29 -4.90 19.32
CA TYR A 246 20.94 -5.27 19.72
C TYR A 246 20.85 -6.78 19.81
N GLY A 251 17.05 -9.49 25.58
CA GLY A 251 16.48 -10.82 25.36
C GLY A 251 16.33 -11.21 23.89
N GLU A 253 18.17 -12.60 21.26
CA GLU A 253 19.12 -13.43 20.53
C GLU A 253 18.64 -13.66 19.10
N GLY A 254 19.54 -14.11 18.23
CA GLY A 254 19.11 -14.58 16.92
C GLY A 254 19.33 -13.67 15.72
N ALA A 255 19.76 -14.28 14.62
CA ALA A 255 19.94 -13.60 13.35
C ALA A 255 18.62 -13.16 12.73
N THR A 256 18.69 -12.10 11.93
CA THR A 256 17.53 -11.62 11.21
C THR A 256 17.49 -12.26 9.84
N TYR A 257 16.31 -12.73 9.45
CA TYR A 257 16.16 -13.39 8.17
C TYR A 257 14.98 -12.80 7.37
N TYR A 258 15.20 -12.61 6.08
CA TYR A 258 14.11 -12.32 5.16
C TYR A 258 13.70 -13.60 4.44
N TYR A 259 12.43 -14.00 4.58
CA TYR A 259 11.96 -15.23 3.98
C TYR A 259 11.29 -15.02 2.62
N TYR A 260 11.50 -15.97 1.72
CA TYR A 260 10.88 -15.94 0.39
C TYR A 260 10.69 -17.36 -0.16
N ASP A 261 9.58 -17.56 -0.88
CA ASP A 261 9.25 -18.86 -1.45
C ASP A 261 9.55 -18.84 -2.94
N ILE A 262 10.02 -19.95 -3.49
CA ILE A 262 10.21 -20.07 -4.95
C ILE A 262 9.44 -21.23 -5.61
N PRO A 263 8.77 -20.96 -6.74
CA PRO A 263 8.12 -22.05 -7.46
C PRO A 263 9.14 -23.13 -7.74
N LYS A 264 8.77 -24.36 -7.38
CA LYS A 264 9.62 -25.53 -7.54
C LYS A 264 9.98 -25.71 -9.01
N ASN A 265 11.10 -26.38 -9.25
CA ASN A 265 11.55 -26.69 -10.61
C ASN A 265 12.76 -27.62 -10.60
N PRO A 266 13.19 -28.11 -11.76
CA PRO A 266 14.18 -29.18 -11.78
C PRO A 266 15.53 -28.82 -11.17
N ILE A 267 15.90 -27.55 -11.18
CA ILE A 267 17.18 -27.14 -10.59
C ILE A 267 17.00 -26.86 -9.10
N ASN A 268 15.87 -26.25 -8.79
CA ASN A 268 15.43 -26.06 -7.42
C ASN A 268 15.62 -27.34 -6.65
N GLU A 269 14.89 -28.35 -7.12
CA GLU A 269 14.89 -29.64 -6.49
C GLU A 269 16.29 -30.16 -6.30
N TRP A 270 17.07 -30.17 -7.38
CA TRP A 270 18.39 -30.77 -7.35
C TRP A 270 19.22 -30.09 -6.30
N LEU A 271 19.14 -28.76 -6.29
CA LEU A 271 19.90 -27.97 -5.35
C LEU A 271 19.49 -28.30 -3.93
N VAL A 272 18.26 -27.99 -3.55
CA VAL A 272 17.80 -28.18 -2.18
C VAL A 272 18.08 -29.58 -1.68
N THR A 273 17.80 -30.56 -2.54
CA THR A 273 17.95 -31.96 -2.19
C THR A 273 19.40 -32.28 -1.88
N GLU A 274 20.28 -31.92 -2.81
CA GLU A 274 21.71 -32.21 -2.70
C GLU A 274 22.40 -31.38 -1.63
N HIS A 275 22.04 -30.11 -1.54
CA HIS A 275 22.63 -29.24 -0.54
C HIS A 275 22.32 -29.82 0.83
N GLN A 276 21.04 -30.11 1.06
CA GLN A 276 20.65 -30.71 2.31
C GLN A 276 21.45 -31.99 2.57
N LYS A 277 21.42 -32.92 1.61
CA LYS A 277 22.09 -34.19 1.77
C LYS A 277 23.59 -34.04 1.94
N ARG A 278 24.14 -32.95 1.44
CA ARG A 278 25.57 -32.69 1.61
C ARG A 278 25.87 -31.95 2.91
N PHE A 279 25.11 -30.89 3.15
CA PHE A 279 25.50 -29.91 4.16
C PHE A 279 24.59 -29.87 5.38
N ASN A 280 23.54 -30.68 5.34
CA ASN A 280 22.59 -30.78 6.45
C ASN A 280 21.89 -29.47 6.78
N ALA A 281 21.70 -28.64 5.77
CA ALA A 281 21.07 -27.34 5.94
C ALA A 281 20.61 -26.89 4.56
N PRO A 282 19.56 -26.05 4.51
CA PRO A 282 19.04 -25.59 3.20
C PRO A 282 20.06 -24.74 2.47
N PRO A 283 19.90 -24.59 1.14
CA PRO A 283 20.74 -23.67 0.40
C PRO A 283 20.13 -22.29 0.58
N ASP A 284 20.94 -21.24 0.62
CA ASP A 284 20.36 -19.92 0.75
C ASP A 284 20.44 -19.12 -0.54
N PHE A 285 20.19 -17.82 -0.40
CA PHE A 285 20.14 -16.89 -1.52
C PHE A 285 21.47 -16.76 -2.25
N PHE A 286 22.54 -16.71 -1.47
CA PHE A 286 23.88 -16.54 -2.01
C PHE A 286 24.41 -17.87 -2.56
N THR A 287 23.86 -18.97 -2.06
CA THR A 287 24.16 -20.25 -2.67
C THR A 287 23.55 -20.29 -4.07
N ALA A 288 22.27 -19.91 -4.16
CA ALA A 288 21.58 -19.95 -5.44
C ALA A 288 22.16 -18.91 -6.40
N GLY A 289 22.70 -17.83 -5.84
CA GLY A 289 23.38 -16.79 -6.60
C GLY A 289 24.60 -17.33 -7.32
N GLY A 290 25.45 -18.03 -6.58
CA GLY A 290 26.60 -18.67 -7.17
C GLY A 290 26.19 -19.62 -8.27
N PHE A 291 25.12 -20.38 -8.03
CA PHE A 291 24.60 -21.37 -8.96
C PHE A 291 24.26 -20.73 -10.31
N SER A 292 23.67 -19.54 -10.28
CA SER A 292 23.27 -18.90 -11.52
C SER A 292 24.49 -18.36 -12.25
N ALA A 293 25.40 -17.75 -11.50
CA ALA A 293 26.65 -17.29 -12.09
C ALA A 293 27.22 -18.41 -12.94
N ALA A 294 27.24 -19.60 -12.35
CA ALA A 294 27.83 -20.79 -12.98
C ALA A 294 27.04 -21.24 -14.18
N ALA A 296 25.28 -19.44 -16.13
CA ALA A 296 25.46 -18.49 -17.20
C ALA A 296 26.76 -18.77 -17.92
N VAL A 297 27.84 -18.91 -17.16
CA VAL A 297 29.14 -19.18 -17.75
C VAL A 297 29.11 -20.45 -18.61
N VAL A 298 28.51 -21.51 -18.08
CA VAL A 298 28.46 -22.74 -18.86
C VAL A 298 27.55 -22.65 -20.09
N THR A 299 26.36 -22.08 -19.93
CA THR A 299 25.49 -21.89 -21.08
C THR A 299 26.14 -21.01 -22.13
N ALA A 300 26.86 -19.99 -21.69
CA ALA A 300 27.54 -19.07 -22.60
C ALA A 300 28.61 -19.79 -23.42
N VAL A 301 29.45 -20.55 -22.73
CA VAL A 301 30.56 -21.25 -23.35
C VAL A 301 30.11 -22.45 -24.18
N GLN A 302 28.95 -23.03 -23.86
CA GLN A 302 28.36 -24.06 -24.69
C GLN A 302 27.74 -23.46 -25.95
N LYS A 303 27.35 -22.20 -25.84
CA LYS A 303 26.70 -21.51 -26.94
C LYS A 303 27.75 -20.92 -27.88
N ALA A 304 28.78 -20.31 -27.30
CA ALA A 304 29.82 -19.66 -28.07
C ALA A 304 30.71 -20.67 -28.77
N LYS A 305 30.89 -21.83 -28.14
CA LYS A 305 31.84 -22.83 -28.61
C LYS A 305 33.27 -22.31 -28.60
N SER A 306 33.58 -21.45 -27.64
CA SER A 306 34.93 -20.92 -27.40
C SER A 306 34.97 -20.07 -26.14
N THR A 307 36.18 -19.72 -25.69
CA THR A 307 36.33 -18.90 -24.48
C THR A 307 36.82 -17.48 -24.79
N ASP A 308 36.77 -17.09 -26.05
CA ASP A 308 37.21 -15.76 -26.45
C ASP A 308 36.21 -14.69 -26.03
N THR A 309 36.70 -13.68 -25.32
CA THR A 309 35.85 -12.65 -24.75
C THR A 309 34.76 -12.17 -25.69
N GLU A 310 35.17 -11.78 -26.90
CA GLU A 310 34.27 -11.19 -27.87
C GLU A 310 33.17 -12.14 -28.32
N LYS A 311 33.52 -13.39 -28.60
CA LYS A 311 32.52 -14.35 -29.01
C LYS A 311 31.61 -14.71 -27.84
N LEU A 312 32.10 -14.48 -26.62
CA LEU A 312 31.29 -14.68 -25.42
C LEU A 312 30.30 -13.53 -25.20
N ILE A 313 30.76 -12.30 -25.41
CA ILE A 313 29.84 -11.17 -25.27
C ILE A 313 28.70 -11.32 -26.26
N ALA A 314 29.02 -11.82 -27.45
CA ALA A 314 28.02 -12.00 -28.49
C ALA A 314 27.02 -13.09 -28.10
N ALA A 315 27.53 -14.22 -27.62
CA ALA A 315 26.66 -15.33 -27.25
C ALA A 315 25.76 -14.94 -26.09
N GLU A 317 24.63 -11.85 -25.02
CA GLU A 317 23.59 -10.85 -25.19
C GLU A 317 22.33 -11.54 -25.68
N GLY A 318 21.27 -11.41 -24.88
CA GLY A 318 19.97 -11.97 -25.23
C GLY A 318 19.81 -13.47 -25.01
N GLU A 320 19.07 -16.83 -23.09
CA GLU A 320 18.37 -17.37 -21.94
C GLU A 320 19.19 -18.47 -21.29
N PHE A 321 19.24 -18.45 -19.96
CA PHE A 321 19.89 -19.53 -19.25
C PHE A 321 19.03 -19.96 -18.07
N ASP A 322 19.19 -21.22 -17.66
CA ASP A 322 18.39 -21.81 -16.60
C ASP A 322 19.07 -21.69 -15.24
N THR A 323 18.31 -21.33 -14.22
CA THR A 323 18.85 -21.17 -12.88
C THR A 323 17.90 -21.73 -11.85
N PRO A 324 18.27 -21.66 -10.56
CA PRO A 324 17.41 -22.28 -9.56
C PRO A 324 16.17 -21.46 -9.34
N LYS A 325 16.10 -20.29 -9.97
CA LYS A 325 14.95 -19.41 -9.79
C LYS A 325 14.07 -19.37 -11.06
N GLY A 326 14.40 -20.24 -12.00
CA GLY A 326 13.74 -20.27 -13.30
C GLY A 326 14.67 -19.82 -14.42
N LYS A 327 14.09 -19.51 -15.56
CA LYS A 327 14.88 -19.02 -16.68
C LYS A 327 15.20 -17.52 -16.55
N VAL A 329 17.45 -14.23 -18.54
CA VAL A 329 17.89 -13.84 -19.86
C VAL A 329 18.62 -12.51 -19.71
N PHE A 330 19.74 -12.37 -20.42
CA PHE A 330 20.50 -11.14 -20.36
C PHE A 330 19.94 -10.15 -21.35
N ARG A 331 19.56 -8.99 -20.85
CA ARG A 331 19.13 -7.91 -21.71
C ARG A 331 20.38 -7.41 -22.44
N LYS A 332 20.27 -7.33 -23.76
CA LYS A 332 21.42 -6.93 -24.56
C LYS A 332 21.86 -5.53 -24.17
N GLU A 333 20.89 -4.67 -23.92
CA GLU A 333 21.13 -3.23 -23.77
C GLU A 333 22.03 -2.88 -22.60
N ASP A 334 21.82 -3.51 -21.46
CA ASP A 334 22.54 -3.13 -20.24
C ASP A 334 23.21 -4.29 -19.55
N HIS A 335 23.17 -5.45 -20.19
CA HIS A 335 23.82 -6.66 -19.68
C HIS A 335 23.25 -7.14 -18.35
N GLN A 336 21.96 -6.86 -18.18
CA GLN A 336 21.26 -7.15 -16.95
C GLN A 336 20.49 -8.45 -17.09
N ALA A 337 20.43 -9.23 -16.02
CA ALA A 337 19.65 -10.46 -16.04
C ALA A 337 18.20 -10.21 -15.64
N LEU A 338 17.28 -10.66 -16.48
CA LEU A 338 15.88 -10.51 -16.23
C LEU A 338 15.26 -11.89 -16.13
N GLN A 339 14.16 -11.99 -15.39
CA GLN A 339 13.41 -13.24 -15.35
C GLN A 339 12.83 -13.43 -16.73
N SER A 340 13.04 -14.58 -17.33
CA SER A 340 12.52 -14.83 -18.67
C SER A 340 11.04 -15.25 -18.63
N TYR A 342 6.69 -15.24 -19.99
CA TYR A 342 5.69 -15.16 -21.05
C TYR A 342 4.59 -14.23 -20.57
N HIS A 343 3.86 -13.64 -21.50
CA HIS A 343 2.84 -12.69 -21.16
C HIS A 343 1.46 -13.24 -21.44
N PHE A 344 0.64 -13.36 -20.40
CA PHE A 344 -0.74 -13.81 -20.53
C PHE A 344 -1.70 -12.66 -20.22
N LYS A 345 -2.82 -12.62 -20.92
CA LYS A 345 -3.84 -11.65 -20.60
C LYS A 345 -5.16 -12.36 -20.26
N VAL A 346 -6.04 -11.63 -19.57
CA VAL A 346 -7.39 -12.12 -19.35
C VAL A 346 -8.37 -11.01 -19.72
N LYS A 347 -9.43 -11.39 -20.41
CA LYS A 347 -10.48 -10.46 -20.82
C LYS A 347 -11.61 -10.56 -19.81
N VAL A 348 -11.94 -9.44 -19.15
CA VAL A 348 -12.89 -9.48 -18.04
C VAL A 348 -14.32 -9.10 -18.39
N ASP A 349 -14.50 -8.42 -19.52
CA ASP A 349 -15.81 -7.96 -19.94
C ASP A 349 -16.85 -9.06 -19.76
N PRO A 350 -16.65 -10.19 -20.43
CA PRO A 350 -17.67 -11.24 -20.42
C PRO A 350 -18.13 -11.51 -18.99
N ALA A 351 -17.19 -11.73 -18.09
CA ALA A 351 -17.52 -12.12 -16.72
C ALA A 351 -18.29 -11.01 -16.04
N VAL A 352 -17.90 -9.77 -16.32
CA VAL A 352 -18.51 -8.61 -15.71
C VAL A 352 -19.88 -8.41 -16.31
N ALA A 353 -19.97 -8.51 -17.62
CA ALA A 353 -21.27 -8.39 -18.28
C ALA A 353 -22.21 -9.40 -17.64
N TRP A 354 -21.64 -10.51 -17.21
CA TRP A 354 -22.40 -11.60 -16.61
C TRP A 354 -22.88 -11.22 -15.22
N ALA A 355 -21.94 -10.92 -14.33
CA ALA A 355 -22.27 -10.59 -12.94
C ALA A 355 -23.39 -9.57 -12.80
N VAL A 356 -23.49 -8.63 -13.74
CA VAL A 356 -24.58 -7.66 -13.64
C VAL A 356 -25.92 -8.28 -14.04
N LEU A 357 -26.04 -8.75 -15.28
CA LEU A 357 -27.24 -9.47 -15.70
C LEU A 357 -27.42 -10.75 -14.87
N ASP B 6 -11.36 -47.90 -20.81
CA ASP B 6 -11.25 -46.52 -21.27
C ASP B 6 -11.11 -45.57 -20.10
N LEU B 7 -10.85 -44.30 -20.42
CA LEU B 7 -10.72 -43.24 -19.42
C LEU B 7 -11.62 -42.07 -19.83
N LYS B 8 -12.78 -41.97 -19.18
CA LYS B 8 -13.77 -40.96 -19.56
C LYS B 8 -13.74 -39.70 -18.70
N ILE B 9 -13.44 -38.56 -19.33
CA ILE B 9 -13.41 -37.29 -18.62
C ILE B 9 -14.55 -36.40 -19.07
N ALA B 10 -15.40 -35.98 -18.13
CA ALA B 10 -16.48 -35.06 -18.47
C ALA B 10 -16.04 -33.63 -18.26
N LEU B 11 -16.42 -32.76 -19.19
CA LEU B 11 -16.19 -31.33 -19.04
C LEU B 11 -17.53 -30.60 -19.10
N ILE B 12 -17.96 -30.07 -17.97
CA ILE B 12 -19.17 -29.25 -17.91
C ILE B 12 -18.71 -27.84 -18.17
N TYR B 13 -19.38 -27.13 -19.07
CA TYR B 13 -18.98 -25.77 -19.41
C TYR B 13 -20.05 -24.96 -20.13
N GLY B 14 -20.01 -23.64 -19.94
CA GLY B 14 -20.94 -22.74 -20.61
C GLY B 14 -20.61 -22.52 -22.08
N LYS B 15 -20.80 -23.56 -22.89
CA LYS B 15 -20.48 -23.49 -24.31
C LYS B 15 -21.28 -22.40 -25.00
N THR B 16 -22.51 -22.18 -24.54
CA THR B 16 -23.35 -21.11 -25.07
C THR B 16 -23.85 -20.19 -23.94
N GLY B 17 -24.03 -18.92 -24.25
CA GLY B 17 -24.47 -17.98 -23.23
C GLY B 17 -23.41 -17.02 -22.72
N PRO B 18 -23.67 -16.42 -21.55
CA PRO B 18 -22.89 -15.36 -20.91
C PRO B 18 -21.39 -15.65 -20.85
N LEU B 19 -21.01 -16.89 -20.61
CA LEU B 19 -19.61 -17.19 -20.42
C LEU B 19 -19.02 -18.02 -21.56
N GLU B 20 -19.61 -17.90 -22.75
CA GLU B 20 -19.29 -18.78 -23.86
C GLU B 20 -17.84 -18.60 -24.35
N ALA B 21 -17.34 -17.37 -24.23
CA ALA B 21 -15.98 -17.06 -24.64
C ALA B 21 -14.96 -17.78 -23.75
N TYR B 22 -15.21 -17.76 -22.45
CA TYR B 22 -14.31 -18.42 -21.52
C TYR B 22 -14.39 -19.92 -21.71
N ALA B 23 -15.60 -20.42 -21.94
CA ALA B 23 -15.82 -21.85 -22.08
C ALA B 23 -15.03 -22.42 -23.25
N LYS B 24 -14.95 -21.67 -24.35
CA LYS B 24 -14.12 -22.08 -25.49
C LYS B 24 -12.69 -22.36 -25.07
N GLN B 25 -12.08 -21.38 -24.40
CA GLN B 25 -10.71 -21.51 -23.94
C GLN B 25 -10.55 -22.72 -23.05
N THR B 26 -11.51 -22.95 -22.16
CA THR B 26 -11.37 -24.01 -21.19
C THR B 26 -11.21 -25.38 -21.85
N GLU B 27 -11.95 -25.60 -22.93
CA GLU B 27 -11.89 -26.85 -23.66
C GLU B 27 -10.63 -26.96 -24.49
N THR B 28 -10.35 -25.93 -25.27
CA THR B 28 -9.13 -25.90 -26.08
C THR B 28 -7.92 -26.20 -25.19
N GLY B 29 -7.94 -25.65 -23.98
CA GLY B 29 -6.88 -25.84 -23.02
C GLY B 29 -6.82 -27.27 -22.54
N LEU B 30 -7.97 -27.86 -22.30
CA LEU B 30 -8.04 -29.24 -21.84
C LEU B 30 -7.57 -30.21 -22.93
N GLY B 33 -3.99 -29.73 -23.15
CA GLY B 33 -3.48 -30.21 -21.88
C GLY B 33 -3.24 -31.71 -21.90
N LEU B 34 -4.26 -32.44 -22.36
CA LEU B 34 -4.19 -33.90 -22.51
C LEU B 34 -3.21 -34.34 -23.61
N GLU B 35 -3.16 -33.58 -24.69
CA GLU B 35 -2.26 -33.87 -25.78
C GLU B 35 -0.80 -33.81 -25.32
N TYR B 36 -0.43 -32.74 -24.59
CA TYR B 36 0.90 -32.65 -24.01
C TYR B 36 1.18 -33.85 -23.11
N ALA B 37 0.35 -34.02 -22.10
CA ALA B 37 0.59 -35.03 -21.06
C ALA B 37 0.76 -36.45 -21.58
N THR B 38 0.26 -36.71 -22.78
CA THR B 38 0.32 -38.05 -23.36
C THR B 38 1.29 -38.09 -24.53
N LYS B 39 1.92 -36.97 -24.75
CA LYS B 39 2.86 -36.88 -25.80
C LYS B 39 2.18 -37.09 -27.14
N GLY B 40 0.89 -36.83 -27.20
CA GLY B 40 0.13 -36.87 -28.43
C GLY B 40 -0.63 -38.16 -28.71
N THR B 41 -0.54 -39.12 -27.81
CA THR B 41 -1.17 -40.43 -28.04
C THR B 41 -2.62 -40.47 -27.60
N THR B 43 -3.65 -41.52 -24.99
CA THR B 43 -3.84 -42.73 -24.20
C THR B 43 -2.86 -42.71 -23.02
N LEU B 44 -3.32 -43.14 -21.85
CA LEU B 44 -2.53 -43.15 -20.62
C LEU B 44 -2.48 -44.57 -20.05
N ASP B 45 -1.29 -45.18 -20.08
CA ASP B 45 -1.14 -46.58 -19.70
C ASP B 45 -2.11 -47.47 -20.48
N GLY B 46 -1.99 -47.50 -21.81
CA GLY B 46 -2.86 -48.31 -22.65
C GLY B 46 -4.30 -47.83 -22.72
N ARG B 47 -4.72 -47.06 -21.71
CA ARG B 47 -6.08 -46.55 -21.63
C ARG B 47 -6.31 -45.44 -22.63
N LYS B 48 -7.34 -45.57 -23.44
CA LYS B 48 -7.72 -44.50 -24.36
C LYS B 48 -8.44 -43.40 -23.58
N ILE B 49 -8.14 -42.17 -23.89
CA ILE B 49 -8.78 -41.06 -23.20
C ILE B 49 -9.86 -40.46 -24.09
N VAL B 50 -11.11 -40.56 -23.65
CA VAL B 50 -12.19 -39.88 -24.34
C VAL B 50 -12.69 -38.75 -23.45
N VAL B 51 -13.16 -37.68 -24.09
CA VAL B 51 -13.65 -36.49 -23.41
C VAL B 51 -15.10 -36.16 -23.82
N ILE B 52 -15.95 -35.96 -22.82
CA ILE B 52 -17.38 -35.79 -23.02
C ILE B 52 -17.75 -34.39 -22.55
N THR B 53 -18.25 -33.55 -23.46
CA THR B 53 -18.55 -32.17 -23.09
C THR B 53 -20.05 -31.92 -22.94
N LYS B 54 -20.41 -31.21 -21.86
CA LYS B 54 -21.79 -30.87 -21.54
C LYS B 54 -21.97 -29.37 -21.46
N ASP B 55 -22.61 -28.78 -22.45
CA ASP B 55 -22.92 -27.35 -22.39
C ASP B 55 -23.99 -27.23 -21.32
N ASP B 56 -23.77 -26.37 -20.33
CA ASP B 56 -24.79 -26.13 -19.32
C ASP B 56 -25.34 -24.71 -19.44
N GLN B 57 -24.98 -24.04 -20.53
CA GLN B 57 -25.52 -22.73 -20.86
C GLN B 57 -25.37 -21.77 -19.69
N SER B 58 -24.56 -22.16 -18.72
CA SER B 58 -24.29 -21.37 -17.54
C SER B 58 -25.52 -21.25 -16.66
N LYS B 59 -26.40 -22.25 -16.77
CA LYS B 59 -27.59 -22.38 -15.93
C LYS B 59 -27.40 -23.45 -14.87
N PRO B 60 -27.47 -23.07 -13.58
CA PRO B 60 -27.27 -23.99 -12.45
C PRO B 60 -28.17 -25.23 -12.45
N ASP B 61 -29.42 -25.10 -12.87
CA ASP B 61 -30.29 -26.27 -12.94
C ASP B 61 -29.82 -27.23 -14.04
N LEU B 62 -29.62 -26.69 -15.25
CA LEU B 62 -29.11 -27.47 -16.37
C LEU B 62 -27.76 -28.13 -16.07
N SER B 63 -26.89 -27.41 -15.39
CA SER B 63 -25.57 -27.92 -15.06
C SER B 63 -25.64 -29.17 -14.20
N LYS B 64 -26.54 -29.17 -13.21
CA LYS B 64 -26.70 -30.32 -12.34
C LYS B 64 -27.11 -31.56 -13.13
N ALA B 65 -28.05 -31.38 -14.06
CA ALA B 65 -28.58 -32.49 -14.85
C ALA B 65 -27.51 -33.01 -15.78
N ALA B 66 -26.77 -32.08 -16.38
CA ALA B 66 -25.67 -32.43 -17.25
C ALA B 66 -24.59 -33.20 -16.49
N LEU B 67 -24.29 -32.74 -15.28
CA LEU B 67 -23.27 -33.38 -14.46
C LEU B 67 -23.74 -34.76 -14.03
N ALA B 68 -24.99 -34.84 -13.59
CA ALA B 68 -25.63 -36.12 -13.29
C ALA B 68 -25.60 -37.03 -14.51
N GLU B 69 -25.92 -36.46 -15.67
CA GLU B 69 -25.99 -37.23 -16.92
C GLU B 69 -24.64 -37.81 -17.34
N ALA B 70 -23.59 -37.00 -17.29
CA ALA B 70 -22.27 -37.45 -17.70
C ALA B 70 -21.69 -38.58 -16.82
N TYR B 71 -21.93 -38.51 -15.51
CA TYR B 71 -21.50 -39.58 -14.63
C TYR B 71 -22.34 -40.83 -14.83
N GLN B 72 -23.66 -40.65 -14.89
CA GLN B 72 -24.61 -41.77 -14.88
C GLN B 72 -24.82 -42.42 -16.24
N ASP B 73 -24.95 -41.59 -17.27
CA ASP B 73 -25.26 -42.07 -18.61
C ASP B 73 -24.00 -42.32 -19.47
N ASP B 74 -23.07 -41.38 -19.49
CA ASP B 74 -21.86 -41.56 -20.30
C ASP B 74 -20.76 -42.26 -19.52
N GLY B 75 -20.97 -42.45 -18.22
CA GLY B 75 -20.07 -43.22 -17.40
C GLY B 75 -18.72 -42.54 -17.24
N ALA B 76 -18.72 -41.22 -17.32
CA ALA B 76 -17.49 -40.45 -17.09
C ALA B 76 -16.92 -40.90 -15.77
N ASP B 77 -15.59 -40.98 -15.69
CA ASP B 77 -14.91 -41.40 -14.48
C ASP B 77 -14.59 -40.20 -13.59
N ILE B 78 -14.47 -39.03 -14.22
CA ILE B 78 -14.09 -37.80 -13.53
C ILE B 78 -14.64 -36.62 -14.29
N ALA B 79 -14.83 -35.51 -13.58
CA ALA B 79 -15.41 -34.34 -14.23
C ALA B 79 -14.64 -33.07 -13.95
N ILE B 80 -14.64 -32.17 -14.94
CA ILE B 80 -14.09 -30.84 -14.77
C ILE B 80 -15.20 -29.83 -15.09
N GLY B 81 -15.25 -28.75 -14.31
CA GLY B 81 -16.26 -27.72 -14.53
C GLY B 81 -16.56 -26.88 -13.30
N THR B 82 -17.26 -25.78 -13.51
CA THR B 82 -17.74 -25.40 -14.83
C THR B 82 -17.53 -23.90 -14.99
N SER B 83 -18.00 -23.33 -16.09
CA SER B 83 -17.69 -21.94 -16.42
C SER B 83 -18.14 -20.99 -15.33
N SER B 84 -19.44 -21.00 -15.05
CA SER B 84 -20.04 -20.05 -14.10
C SER B 84 -19.97 -20.52 -12.65
N SER B 85 -19.52 -19.62 -11.77
CA SER B 85 -19.41 -19.90 -10.35
C SER B 85 -20.73 -20.45 -9.80
N ALA B 86 -21.79 -19.69 -10.00
CA ALA B 86 -23.09 -20.07 -9.47
C ALA B 86 -23.47 -21.51 -9.84
N ALA B 87 -23.27 -21.84 -11.10
CA ALA B 87 -23.64 -23.16 -11.61
C ALA B 87 -22.81 -24.23 -10.94
N ALA B 88 -21.51 -23.96 -10.79
CA ALA B 88 -20.60 -24.92 -10.19
C ALA B 88 -20.93 -25.21 -8.73
N LEU B 89 -21.47 -24.23 -8.02
CA LEU B 89 -21.82 -24.46 -6.62
C LEU B 89 -22.96 -25.45 -6.56
N ALA B 90 -23.90 -25.30 -7.48
CA ALA B 90 -25.02 -26.21 -7.55
C ALA B 90 -24.53 -27.65 -7.74
N ASP B 91 -23.45 -27.80 -8.50
CA ASP B 91 -22.95 -29.12 -8.90
C ASP B 91 -22.23 -29.92 -7.83
N LEU B 92 -21.76 -29.25 -6.78
CA LEU B 92 -20.96 -29.93 -5.76
C LEU B 92 -21.63 -31.19 -5.19
N PRO B 93 -22.95 -31.12 -4.92
CA PRO B 93 -23.59 -32.30 -4.34
C PRO B 93 -23.78 -33.40 -5.37
N VAL B 94 -23.95 -33.02 -6.63
CA VAL B 94 -24.12 -33.98 -7.71
C VAL B 94 -22.89 -34.86 -7.87
N ALA B 95 -21.75 -34.40 -7.35
CA ALA B 95 -20.54 -35.21 -7.37
C ALA B 95 -20.62 -36.29 -6.30
N GLU B 96 -20.85 -35.86 -5.06
CA GLU B 96 -21.05 -36.77 -3.93
C GLU B 96 -22.17 -37.75 -4.23
N GLU B 97 -23.26 -37.24 -4.82
CA GLU B 97 -24.40 -38.08 -5.20
C GLU B 97 -24.00 -39.24 -6.08
N ASN B 98 -22.92 -39.07 -6.84
CA ASN B 98 -22.45 -40.10 -7.76
C ASN B 98 -21.14 -40.73 -7.33
N LYS B 99 -20.66 -40.29 -6.16
CA LYS B 99 -19.40 -40.77 -5.61
C LYS B 99 -18.34 -40.82 -6.71
N LYS B 100 -18.14 -39.68 -7.35
CA LYS B 100 -17.16 -39.49 -8.41
C LYS B 100 -16.57 -38.08 -8.30
N ILE B 101 -15.30 -37.93 -8.64
CA ILE B 101 -14.59 -36.68 -8.43
C ILE B 101 -15.03 -35.56 -9.39
N LEU B 102 -15.08 -34.33 -8.89
CA LEU B 102 -15.23 -33.16 -9.76
C LEU B 102 -14.15 -32.10 -9.54
N ILE B 103 -13.44 -31.75 -10.60
CA ILE B 103 -12.49 -30.64 -10.55
C ILE B 103 -13.13 -29.34 -11.02
N VAL B 104 -13.17 -28.34 -10.13
CA VAL B 104 -13.84 -27.06 -10.42
C VAL B 104 -12.97 -26.14 -11.23
N GLU B 105 -13.42 -25.78 -12.42
CA GLU B 105 -12.62 -25.00 -13.35
C GLU B 105 -13.49 -24.51 -14.49
N PRO B 106 -13.54 -23.18 -14.70
CA PRO B 106 -12.89 -22.08 -14.00
C PRO B 106 -13.65 -21.60 -12.77
N ALA B 107 -14.98 -21.58 -12.85
CA ALA B 107 -15.83 -21.06 -11.78
C ALA B 107 -15.34 -19.70 -11.23
N ASN B 118 -16.77 -30.85 -0.28
CA ASN B 118 -16.77 -32.25 0.12
C ASN B 118 -15.60 -33.06 -0.48
N ARG B 119 -15.46 -34.30 -0.06
CA ARG B 119 -14.29 -35.08 -0.44
C ARG B 119 -14.15 -35.37 -1.94
N TYR B 120 -15.20 -35.09 -2.71
CA TYR B 120 -15.21 -35.39 -4.13
C TYR B 120 -14.87 -34.16 -4.97
N ILE B 121 -14.66 -33.05 -4.31
CA ILE B 121 -14.34 -31.82 -5.00
C ILE B 121 -12.89 -31.44 -4.82
N PHE B 122 -12.20 -31.22 -5.94
CA PHE B 122 -10.86 -30.66 -5.88
C PHE B 122 -10.93 -29.30 -6.57
N ARG B 123 -10.43 -28.26 -5.88
CA ARG B 123 -10.49 -26.90 -6.40
C ARG B 123 -9.19 -26.52 -7.10
N THR B 124 -9.27 -25.53 -7.99
CA THR B 124 -8.17 -25.30 -8.91
C THR B 124 -7.07 -24.36 -8.40
N GLY B 125 -7.36 -23.50 -7.43
CA GLY B 125 -6.34 -22.64 -6.85
C GLY B 125 -6.69 -21.17 -6.85
N ARG B 126 -6.05 -20.40 -5.96
CA ARG B 126 -6.25 -18.96 -5.94
C ARG B 126 -5.21 -18.36 -6.86
N ASN B 127 -5.57 -17.29 -7.54
CA ASN B 127 -4.60 -16.57 -8.37
C ASN B 127 -5.03 -15.16 -8.67
N SER B 128 -4.08 -14.34 -9.10
CA SER B 128 -4.29 -12.91 -9.27
C SER B 128 -5.32 -12.62 -10.37
N SER B 129 -5.49 -13.56 -11.29
CA SER B 129 -6.46 -13.34 -12.35
C SER B 129 -7.90 -13.36 -11.85
N GLN B 130 -8.22 -14.27 -10.95
CA GLN B 130 -9.54 -14.29 -10.35
C GLN B 130 -9.74 -13.04 -9.50
N ASP B 131 -8.74 -12.73 -8.68
CA ASP B 131 -8.72 -11.48 -7.94
C ASP B 131 -9.05 -10.36 -8.91
N ALA B 132 -8.38 -10.38 -10.05
CA ALA B 132 -8.54 -9.32 -11.04
C ALA B 132 -9.98 -9.27 -11.55
N ILE B 133 -10.54 -10.43 -11.82
CA ILE B 133 -11.91 -10.52 -12.28
C ILE B 133 -12.87 -10.03 -11.21
N SER B 134 -12.68 -10.51 -9.98
CA SER B 134 -13.52 -10.06 -8.88
C SER B 134 -13.52 -8.54 -8.76
N ASN B 135 -12.34 -7.96 -8.91
CA ASN B 135 -12.17 -6.52 -8.96
C ASN B 135 -13.03 -5.88 -10.02
N ALA B 136 -12.84 -6.31 -11.27
CA ALA B 136 -13.61 -5.79 -12.38
C ALA B 136 -15.09 -5.92 -12.06
N VAL B 137 -15.47 -7.06 -11.49
CA VAL B 137 -16.88 -7.34 -11.16
C VAL B 137 -17.44 -6.31 -10.18
N ALA B 138 -16.80 -6.17 -9.02
CA ALA B 138 -17.24 -5.15 -8.08
C ALA B 138 -17.45 -3.83 -8.81
N ILE B 139 -16.40 -3.35 -9.47
CA ILE B 139 -16.46 -2.11 -10.24
C ILE B 139 -17.74 -2.02 -11.06
N GLY B 140 -18.03 -3.04 -11.86
CA GLY B 140 -19.20 -3.06 -12.71
C GLY B 140 -20.47 -2.92 -11.90
N LYS B 141 -20.41 -3.44 -10.67
CA LYS B 141 -21.54 -3.42 -9.74
C LYS B 141 -21.57 -2.16 -8.88
N GLN B 142 -20.87 -1.12 -9.28
CA GLN B 142 -20.82 0.12 -8.50
C GLN B 142 -21.07 1.36 -9.34
N GLY B 143 -21.21 2.49 -8.66
CA GLY B 143 -21.52 3.73 -9.33
C GLY B 143 -20.34 4.35 -10.05
N VAL B 144 -20.64 5.18 -11.03
CA VAL B 144 -19.63 5.98 -11.66
C VAL B 144 -20.11 7.43 -11.70
N THR B 145 -19.24 8.34 -11.31
CA THR B 145 -19.52 9.76 -11.32
C THR B 145 -18.46 10.42 -12.19
N ILE B 146 -18.90 11.08 -13.25
CA ILE B 146 -17.96 11.70 -14.17
C ILE B 146 -18.02 13.22 -14.07
N ALA B 147 -16.90 13.87 -14.38
CA ALA B 147 -16.78 15.33 -14.29
C ALA B 147 -16.09 15.85 -15.53
N THR B 148 -16.78 16.71 -16.28
CA THR B 148 -16.32 17.14 -17.59
C THR B 148 -15.32 18.29 -17.56
N LEU B 149 -14.37 18.28 -18.49
CA LEU B 149 -13.45 19.39 -18.66
C LEU B 149 -13.26 19.63 -20.14
N ALA B 150 -13.44 20.87 -20.56
CA ALA B 150 -13.39 21.21 -21.98
C ALA B 150 -13.01 22.66 -22.20
N GLN B 151 -12.86 23.04 -23.46
CA GLN B 151 -12.55 24.42 -23.81
C GLN B 151 -13.84 25.18 -24.01
N ASP B 152 -13.80 26.50 -23.83
CA ASP B 152 -14.99 27.33 -23.97
C ASP B 152 -15.21 27.89 -25.38
N TYR B 153 -15.09 27.02 -26.39
CA TYR B 153 -15.61 27.30 -27.73
C TYR B 153 -16.46 26.15 -28.26
N ALA B 154 -17.04 26.33 -29.44
CA ALA B 154 -18.04 25.42 -29.98
C ALA B 154 -17.71 23.92 -29.92
N PHE B 155 -16.48 23.57 -30.30
CA PHE B 155 -16.06 22.17 -30.42
C PHE B 155 -16.08 21.47 -29.05
N GLY B 156 -15.56 22.14 -28.03
CA GLY B 156 -15.57 21.56 -26.69
C GLY B 156 -17.00 21.34 -26.23
N ARG B 157 -17.84 22.34 -26.46
CA ARG B 157 -19.22 22.30 -26.00
C ARG B 157 -20.10 21.38 -26.84
N ASP B 158 -19.77 21.22 -28.13
CA ASP B 158 -20.38 20.18 -28.96
C ASP B 158 -19.84 18.84 -28.49
N GLY B 159 -18.52 18.80 -28.29
CA GLY B 159 -17.83 17.61 -27.80
C GLY B 159 -18.47 17.00 -26.57
N VAL B 160 -18.60 17.81 -25.51
CA VAL B 160 -19.25 17.34 -24.30
C VAL B 160 -20.71 17.02 -24.54
N ALA B 161 -21.32 17.67 -25.52
CA ALA B 161 -22.70 17.39 -25.89
C ALA B 161 -22.90 15.91 -26.27
N ALA B 162 -22.10 15.45 -27.22
CA ALA B 162 -22.16 14.09 -27.74
C ALA B 162 -21.80 13.07 -26.68
N PHE B 163 -20.73 13.35 -25.95
CA PHE B 163 -20.30 12.52 -24.83
C PHE B 163 -21.45 12.40 -23.81
N LYS B 164 -21.98 13.57 -23.45
CA LYS B 164 -23.15 13.68 -22.59
C LYS B 164 -24.26 12.79 -23.12
N GLU B 165 -24.36 12.70 -24.43
CA GLU B 165 -25.43 11.92 -25.00
C GLU B 165 -25.11 10.45 -24.88
N ALA B 166 -23.83 10.11 -25.04
CA ALA B 166 -23.40 8.74 -24.89
C ALA B 166 -23.54 8.33 -23.43
N LEU B 167 -23.20 9.24 -22.52
CA LEU B 167 -23.20 8.96 -21.09
C LEU B 167 -24.62 8.78 -20.53
N ALA B 168 -25.62 9.07 -21.35
CA ALA B 168 -27.01 9.00 -20.91
C ALA B 168 -27.61 7.60 -21.05
N LYS B 169 -27.05 6.79 -21.94
CA LYS B 169 -27.43 5.40 -22.14
C LYS B 169 -26.70 4.52 -21.12
N THR B 170 -26.17 5.15 -20.07
CA THR B 170 -25.10 4.57 -19.28
C THR B 170 -25.43 4.28 -17.80
N GLY B 171 -25.91 5.27 -17.08
CA GLY B 171 -26.24 5.04 -15.69
C GLY B 171 -25.27 5.67 -14.70
N ALA B 172 -24.22 6.30 -15.21
CA ALA B 172 -23.32 7.05 -14.35
C ALA B 172 -23.95 8.41 -14.17
N THR B 173 -23.43 9.18 -13.22
CA THR B 173 -23.91 10.55 -13.03
C THR B 173 -22.86 11.59 -13.43
N LEU B 174 -23.30 12.69 -14.02
CA LEU B 174 -22.42 13.81 -14.35
C LEU B 174 -22.60 14.87 -13.28
N ALA B 175 -21.55 15.09 -12.50
CA ALA B 175 -21.64 16.00 -11.36
C ALA B 175 -21.53 17.45 -11.80
N THR B 176 -20.68 17.70 -12.78
CA THR B 176 -20.29 19.07 -13.14
C THR B 176 -19.59 19.11 -14.49
N GLU B 177 -19.76 20.21 -15.20
CA GLU B 177 -19.00 20.46 -16.41
C GLU B 177 -18.18 21.72 -16.20
N GLU B 178 -16.88 21.59 -16.36
CA GLU B 178 -16.03 22.76 -16.31
C GLU B 178 -15.57 23.16 -17.71
N TYR B 179 -15.77 24.43 -18.03
CA TYR B 179 -15.35 24.97 -19.30
C TYR B 179 -14.36 26.09 -19.04
N VAL B 180 -13.13 25.90 -19.51
CA VAL B 180 -12.10 26.91 -19.36
C VAL B 180 -11.77 27.51 -20.73
N PRO B 181 -11.07 28.65 -20.75
CA PRO B 181 -10.75 29.31 -22.02
C PRO B 181 -9.73 28.54 -22.86
N THR B 182 -9.86 28.71 -24.18
CA THR B 182 -9.07 28.00 -25.17
C THR B 182 -7.61 27.96 -24.79
N THR B 183 -7.22 28.94 -23.99
CA THR B 183 -5.81 29.10 -23.65
C THR B 183 -5.55 29.14 -22.15
N THR B 184 -6.02 28.11 -21.43
CA THR B 184 -5.66 27.98 -20.02
C THR B 184 -4.50 27.03 -19.88
N THR B 185 -3.35 27.57 -19.50
CA THR B 185 -2.13 26.79 -19.35
C THR B 185 -1.88 26.50 -17.88
N ASP B 186 -2.67 27.13 -17.02
CA ASP B 186 -2.59 26.90 -15.58
C ASP B 186 -3.94 26.42 -15.01
N PHE B 187 -4.02 25.15 -14.66
CA PHE B 187 -5.29 24.53 -14.30
C PHE B 187 -5.40 24.19 -12.83
N THR B 188 -4.69 24.93 -11.98
CA THR B 188 -4.80 24.75 -10.55
C THR B 188 -6.25 24.89 -10.09
N ALA B 189 -6.95 25.88 -10.64
CA ALA B 189 -8.26 26.27 -10.12
C ALA B 189 -9.36 25.37 -10.66
N VAL B 190 -9.27 25.02 -11.93
CA VAL B 190 -10.22 24.09 -12.52
C VAL B 190 -10.10 22.75 -11.81
N GLY B 191 -8.89 22.20 -11.83
CA GLY B 191 -8.62 20.92 -11.20
C GLY B 191 -9.07 20.86 -9.76
N GLN B 192 -9.00 22.00 -9.08
CA GLN B 192 -9.39 22.10 -7.69
C GLN B 192 -10.90 21.99 -7.59
N ARG B 193 -11.55 22.62 -8.55
CA ARG B 193 -12.99 22.70 -8.61
C ARG B 193 -13.52 21.33 -8.97
N LEU B 194 -12.76 20.63 -9.80
CA LEU B 194 -13.07 19.27 -10.24
C LEU B 194 -12.93 18.23 -9.13
N PHE B 195 -11.91 18.38 -8.31
CA PHE B 195 -11.65 17.45 -7.22
C PHE B 195 -12.70 17.62 -6.14
N ASP B 196 -13.17 18.85 -5.95
CA ASP B 196 -14.15 19.12 -4.93
C ASP B 196 -15.53 18.60 -5.30
N ALA B 197 -15.76 18.38 -6.60
CA ALA B 197 -17.04 17.92 -7.09
C ALA B 197 -17.18 16.40 -6.98
N LEU B 198 -16.05 15.70 -7.11
CA LEU B 198 -16.04 14.25 -7.06
C LEU B 198 -15.65 13.72 -5.70
N LYS B 199 -15.01 14.57 -4.90
CA LYS B 199 -14.34 14.18 -3.65
C LYS B 199 -14.75 12.88 -2.95
N ASP B 200 -15.77 12.97 -2.10
CA ASP B 200 -16.05 11.90 -1.15
C ASP B 200 -17.09 10.90 -1.62
N LYS B 201 -17.58 11.07 -2.85
CA LYS B 201 -18.49 10.12 -3.45
C LYS B 201 -17.88 8.71 -3.55
N PRO B 202 -18.72 7.68 -3.66
CA PRO B 202 -18.32 6.42 -4.26
C PRO B 202 -19.13 6.21 -5.53
N GLY B 203 -18.66 5.37 -6.45
CA GLY B 203 -17.46 4.59 -6.25
C GLY B 203 -16.35 5.08 -7.16
N LYS B 204 -16.59 5.02 -8.47
CA LYS B 204 -15.64 5.55 -9.44
C LYS B 204 -15.87 7.03 -9.70
N LYS B 205 -14.80 7.82 -9.54
CA LYS B 205 -14.84 9.25 -9.76
C LYS B 205 -13.82 9.55 -10.86
N ILE B 206 -14.26 10.23 -11.90
CA ILE B 206 -13.44 10.38 -13.08
C ILE B 206 -13.59 11.76 -13.74
N ILE B 207 -12.49 12.32 -14.21
CA ILE B 207 -12.53 13.57 -14.95
C ILE B 207 -12.31 13.29 -16.41
N TRP B 208 -13.31 13.61 -17.22
CA TRP B 208 -13.26 13.41 -18.65
C TRP B 208 -12.88 14.70 -19.35
N VAL B 209 -11.62 14.78 -19.81
CA VAL B 209 -11.18 15.96 -20.55
C VAL B 209 -11.35 15.75 -22.06
N ILE B 210 -11.84 16.79 -22.72
CA ILE B 210 -12.06 16.78 -24.15
C ILE B 210 -11.30 17.97 -24.67
N TRP B 211 -10.31 17.75 -25.53
CA TRP B 211 -9.38 18.84 -25.83
C TRP B 211 -8.70 18.78 -27.20
N ALA B 212 -8.24 19.94 -27.65
CA ALA B 212 -7.44 20.08 -28.85
C ALA B 212 -6.27 21.02 -28.57
N PRO B 217 -3.38 19.17 -20.62
CA PRO B 217 -4.28 19.24 -19.46
C PRO B 217 -4.30 17.93 -18.69
N LEU B 218 -4.36 16.79 -19.38
CA LEU B 218 -4.24 15.52 -18.68
C LEU B 218 -3.00 15.67 -17.83
N THR B 219 -1.94 16.13 -18.48
CA THR B 219 -0.63 16.29 -17.83
C THR B 219 -0.73 17.23 -16.65
N LYS B 220 -1.09 18.47 -16.93
CA LYS B 220 -1.15 19.52 -15.91
C LYS B 220 -2.03 19.12 -14.74
N LEU B 221 -2.97 18.23 -15.00
CA LEU B 221 -3.95 17.76 -14.03
C LEU B 221 -3.41 16.56 -13.28
N GLN B 222 -2.69 15.70 -13.97
CA GLN B 222 -2.05 14.53 -13.37
C GLN B 222 -0.92 14.92 -12.41
N ASP B 223 -0.27 16.05 -12.71
CA ASP B 223 0.75 16.62 -11.83
C ASP B 223 0.16 16.96 -10.47
N ASP B 225 -1.87 15.25 -8.98
CA ASP B 225 -2.12 13.98 -8.31
C ASP B 225 -3.58 13.88 -7.85
N PRO B 226 -4.42 13.28 -8.69
CA PRO B 226 -5.84 13.11 -8.38
C PRO B 226 -6.09 11.88 -7.51
N LYS B 227 -5.19 10.92 -7.58
CA LYS B 227 -5.32 9.69 -6.80
C LYS B 227 -5.59 10.00 -5.33
N ARG B 228 -5.09 11.13 -4.86
CA ARG B 228 -5.29 11.53 -3.47
C ARG B 228 -6.77 11.61 -3.13
N TYR B 229 -7.60 11.82 -4.15
CA TYR B 229 -9.06 11.91 -3.95
C TYR B 229 -9.71 10.62 -4.41
N GLY B 230 -8.96 9.81 -5.15
CA GLY B 230 -9.50 8.58 -5.71
C GLY B 230 -10.06 8.86 -7.08
N ILE B 231 -9.57 9.91 -7.72
CA ILE B 231 -10.08 10.33 -9.01
C ILE B 231 -9.12 9.93 -10.11
N GLU B 232 -9.65 9.36 -11.17
CA GLU B 232 -8.82 8.99 -12.30
C GLU B 232 -9.16 9.92 -13.43
N LEU B 233 -8.32 9.96 -14.44
CA LEU B 233 -8.55 10.86 -15.56
C LEU B 233 -8.92 10.02 -16.78
N SER B 234 -9.44 10.69 -17.81
CA SER B 234 -9.88 10.03 -19.03
C SER B 234 -8.74 9.36 -19.81
N THR B 235 -7.50 9.80 -19.56
CA THR B 235 -6.36 9.07 -20.06
C THR B 235 -5.91 8.07 -19.01
N GLY B 236 -5.80 6.81 -19.39
CA GLY B 236 -5.46 5.79 -18.43
C GLY B 236 -6.07 4.50 -18.94
N GLY B 237 -5.65 3.40 -18.34
CA GLY B 237 -6.09 2.10 -18.78
C GLY B 237 -7.21 1.56 -17.95
N ASN B 238 -8.36 1.37 -18.58
CA ASN B 238 -9.45 0.63 -17.96
C ASN B 238 -9.96 1.29 -16.70
N ILE B 239 -10.34 2.55 -16.87
CA ILE B 239 -10.85 3.35 -15.79
C ILE B 239 -12.38 3.31 -15.82
N LEU B 240 -12.93 2.71 -16.86
CA LEU B 240 -14.36 2.51 -16.92
C LEU B 240 -14.72 1.04 -16.70
N PRO B 241 -15.89 0.78 -16.10
CA PRO B 241 -16.29 -0.61 -15.88
C PRO B 241 -16.36 -1.39 -17.19
N ALA B 242 -16.09 -2.68 -17.10
CA ALA B 242 -16.05 -3.56 -18.27
C ALA B 242 -17.46 -3.85 -18.82
N LEU B 243 -18.25 -2.81 -19.04
CA LEU B 243 -19.61 -2.95 -19.56
C LEU B 243 -19.73 -2.40 -20.98
N ALA B 244 -20.61 -3.00 -21.77
CA ALA B 244 -20.74 -2.61 -23.17
C ALA B 244 -21.25 -1.18 -23.31
N ALA B 245 -22.00 -0.73 -22.32
CA ALA B 245 -22.52 0.63 -22.30
C ALA B 245 -21.42 1.68 -22.33
N TYR B 246 -20.38 1.48 -21.50
CA TYR B 246 -19.24 2.40 -21.43
C TYR B 246 -18.27 2.22 -22.59
N LYS B 247 -18.17 0.99 -23.08
CA LYS B 247 -17.21 0.74 -24.14
C LYS B 247 -17.72 1.31 -25.47
N ARG B 248 -18.37 2.46 -25.40
CA ARG B 248 -18.90 3.12 -26.60
C ARG B 248 -18.55 4.62 -26.71
N LEU B 249 -17.81 5.15 -25.74
CA LEU B 249 -17.44 6.58 -25.76
C LEU B 249 -15.98 6.77 -26.21
N GLU B 253 -13.42 2.18 -26.96
CA GLU B 253 -13.69 0.89 -27.54
C GLU B 253 -12.64 -0.02 -26.95
N GLY B 254 -12.74 -1.32 -27.21
CA GLY B 254 -11.70 -2.21 -26.75
C GLY B 254 -12.05 -2.89 -25.44
N ALA B 255 -11.65 -4.15 -25.34
CA ALA B 255 -11.94 -4.97 -24.19
C ALA B 255 -11.03 -4.59 -23.06
N THR B 256 -11.49 -4.85 -21.84
CA THR B 256 -10.67 -4.65 -20.67
C THR B 256 -9.92 -5.94 -20.40
N TYR B 257 -8.60 -5.86 -20.37
CA TYR B 257 -7.74 -6.99 -20.06
C TYR B 257 -6.96 -6.74 -18.77
N TYR B 258 -6.75 -7.79 -17.98
CA TYR B 258 -5.77 -7.74 -16.91
C TYR B 258 -4.53 -8.50 -17.34
N TYR B 259 -3.37 -7.87 -17.23
CA TYR B 259 -2.14 -8.47 -17.72
C TYR B 259 -1.31 -9.12 -16.61
N TYR B 260 -0.63 -10.20 -16.96
CA TYR B 260 0.27 -10.87 -16.02
C TYR B 260 1.36 -11.66 -16.74
N ASP B 261 2.42 -11.97 -16.00
CA ASP B 261 3.57 -12.65 -16.57
C ASP B 261 3.85 -13.97 -15.87
N ILE B 262 4.33 -14.96 -16.62
CA ILE B 262 4.66 -16.25 -16.05
C ILE B 262 6.08 -16.67 -16.41
N PRO B 263 6.90 -16.96 -15.39
CA PRO B 263 8.23 -17.52 -15.63
C PRO B 263 8.18 -18.71 -16.59
N LYS B 264 8.99 -18.66 -17.66
CA LYS B 264 9.02 -19.70 -18.68
C LYS B 264 9.23 -21.08 -18.10
N ASN B 265 8.55 -22.06 -18.67
CA ASN B 265 8.81 -23.46 -18.36
C ASN B 265 8.47 -24.31 -19.57
N PRO B 266 8.78 -25.61 -19.51
CA PRO B 266 8.56 -26.51 -20.65
C PRO B 266 7.12 -26.66 -21.11
N ILE B 267 6.15 -26.43 -20.24
CA ILE B 267 4.75 -26.48 -20.67
C ILE B 267 4.28 -25.13 -21.23
N ASN B 268 4.73 -24.05 -20.62
CA ASN B 268 4.60 -22.70 -21.17
C ASN B 268 4.94 -22.66 -22.64
N GLU B 269 6.17 -23.05 -22.95
CA GLU B 269 6.70 -22.93 -24.29
C GLU B 269 5.84 -23.70 -25.25
N TRP B 270 5.55 -24.95 -24.90
CA TRP B 270 4.77 -25.79 -25.78
C TRP B 270 3.41 -25.18 -25.99
N LEU B 271 2.77 -24.78 -24.90
CA LEU B 271 1.43 -24.22 -24.99
C LEU B 271 1.46 -23.00 -25.88
N VAL B 272 2.34 -22.05 -25.54
CA VAL B 272 2.38 -20.78 -26.26
C VAL B 272 2.76 -20.96 -27.74
N THR B 273 3.77 -21.77 -28.00
CA THR B 273 4.22 -22.00 -29.37
C THR B 273 3.14 -22.71 -30.18
N GLU B 274 2.63 -23.80 -29.64
CA GLU B 274 1.66 -24.63 -30.33
C GLU B 274 0.33 -23.89 -30.48
N HIS B 275 -0.11 -23.24 -29.42
CA HIS B 275 -1.37 -22.51 -29.46
C HIS B 275 -1.29 -21.41 -30.51
N GLN B 276 -0.24 -20.61 -30.44
CA GLN B 276 -0.04 -19.55 -31.40
C GLN B 276 -0.07 -20.17 -32.79
N LYS B 277 0.79 -21.17 -33.00
CA LYS B 277 0.91 -21.83 -34.28
C LYS B 277 -0.45 -22.23 -34.84
N ARG B 278 -1.31 -22.79 -33.99
CA ARG B 278 -2.58 -23.35 -34.45
C ARG B 278 -3.69 -22.32 -34.61
N PHE B 279 -3.76 -21.37 -33.70
CA PHE B 279 -4.87 -20.42 -33.71
C PHE B 279 -4.42 -19.02 -34.03
N ASN B 280 -3.16 -18.90 -34.44
CA ASN B 280 -2.56 -17.59 -34.73
C ASN B 280 -2.87 -16.56 -33.64
N ALA B 281 -2.85 -17.02 -32.38
CA ALA B 281 -3.12 -16.17 -31.23
C ALA B 281 -2.53 -16.77 -29.94
N PRO B 282 -2.24 -15.92 -28.95
CA PRO B 282 -1.65 -16.40 -27.69
C PRO B 282 -2.65 -17.16 -26.85
N PRO B 283 -2.18 -18.11 -26.01
CA PRO B 283 -3.06 -18.77 -25.05
C PRO B 283 -3.53 -17.77 -24.00
N ASP B 284 -4.73 -17.95 -23.47
CA ASP B 284 -5.20 -17.05 -22.41
C ASP B 284 -5.21 -17.72 -21.05
N PHE B 285 -5.54 -16.93 -20.02
CA PHE B 285 -5.66 -17.42 -18.67
C PHE B 285 -6.59 -18.63 -18.56
N PHE B 286 -7.68 -18.63 -19.33
CA PHE B 286 -8.64 -19.72 -19.20
C PHE B 286 -8.17 -20.97 -19.91
N THR B 287 -7.56 -20.77 -21.07
CA THR B 287 -6.90 -21.84 -21.81
C THR B 287 -5.97 -22.60 -20.90
N ALA B 288 -5.20 -21.85 -20.11
CA ALA B 288 -4.20 -22.43 -19.23
C ALA B 288 -4.83 -23.15 -18.05
N GLY B 289 -6.07 -22.77 -17.71
CA GLY B 289 -6.81 -23.43 -16.66
C GLY B 289 -7.24 -24.83 -17.09
N GLY B 290 -7.87 -24.91 -18.26
CA GLY B 290 -8.29 -26.19 -18.79
C GLY B 290 -7.10 -27.11 -18.89
N PHE B 291 -5.97 -26.56 -19.30
CA PHE B 291 -4.76 -27.34 -19.48
C PHE B 291 -4.30 -27.87 -18.12
N SER B 292 -4.48 -27.07 -17.07
CA SER B 292 -4.02 -27.49 -15.75
C SER B 292 -4.89 -28.64 -15.25
N ALA B 293 -6.19 -28.54 -15.47
CA ALA B 293 -7.07 -29.60 -15.05
C ALA B 293 -6.63 -30.86 -15.78
N ALA B 294 -6.30 -30.70 -17.06
CA ALA B 294 -5.79 -31.80 -17.87
C ALA B 294 -4.66 -32.51 -17.14
N ALA B 296 -3.83 -32.40 -13.93
CA ALA B 296 -4.33 -32.99 -12.69
C ALA B 296 -4.89 -34.38 -12.94
N VAL B 297 -5.81 -34.47 -13.89
CA VAL B 297 -6.44 -35.74 -14.18
C VAL B 297 -5.42 -36.75 -14.65
N VAL B 298 -4.68 -36.40 -15.69
CA VAL B 298 -3.72 -37.32 -16.26
C VAL B 298 -2.68 -37.71 -15.23
N THR B 299 -2.20 -36.75 -14.45
CA THR B 299 -1.23 -37.07 -13.40
C THR B 299 -1.83 -38.05 -12.40
N ALA B 300 -3.09 -37.80 -12.05
CA ALA B 300 -3.78 -38.56 -11.01
C ALA B 300 -4.02 -40.00 -11.43
N VAL B 301 -4.67 -40.19 -12.58
CA VAL B 301 -4.93 -41.53 -13.07
C VAL B 301 -3.61 -42.28 -13.21
N GLN B 302 -2.59 -41.61 -13.71
CA GLN B 302 -1.30 -42.27 -13.82
C GLN B 302 -0.74 -42.63 -12.47
N LYS B 303 -0.97 -41.76 -11.50
CA LYS B 303 -0.51 -42.05 -10.16
C LYS B 303 -1.25 -43.27 -9.62
N ALA B 304 -2.57 -43.19 -9.54
CA ALA B 304 -3.40 -44.23 -8.92
C ALA B 304 -3.30 -45.55 -9.66
N LYS B 305 -3.01 -45.46 -10.95
CA LYS B 305 -2.97 -46.61 -11.86
C LYS B 305 -4.36 -47.21 -12.05
N SER B 306 -5.36 -46.51 -11.54
CA SER B 306 -6.73 -46.90 -11.75
C SER B 306 -7.56 -45.66 -12.04
N THR B 307 -8.85 -45.85 -12.24
CA THR B 307 -9.74 -44.71 -12.37
C THR B 307 -10.87 -44.83 -11.36
N ASP B 308 -10.64 -45.61 -10.31
CA ASP B 308 -11.59 -45.71 -9.20
C ASP B 308 -11.53 -44.49 -8.30
N THR B 309 -12.67 -43.83 -8.14
CA THR B 309 -12.75 -42.59 -7.40
C THR B 309 -11.87 -42.56 -6.15
N GLU B 310 -11.98 -43.59 -5.32
CA GLU B 310 -11.34 -43.58 -4.00
C GLU B 310 -9.81 -43.73 -4.04
N LYS B 311 -9.33 -44.44 -5.05
CA LYS B 311 -7.90 -44.55 -5.30
C LYS B 311 -7.39 -43.25 -5.90
N LEU B 312 -8.28 -42.58 -6.63
CA LEU B 312 -7.94 -41.31 -7.26
C LEU B 312 -7.79 -40.22 -6.21
N ILE B 313 -8.71 -40.18 -5.26
CA ILE B 313 -8.65 -39.20 -4.20
C ILE B 313 -7.37 -39.40 -3.39
N ALA B 314 -6.99 -40.65 -3.18
CA ALA B 314 -5.78 -40.98 -2.42
C ALA B 314 -4.52 -40.44 -3.11
N ALA B 315 -4.43 -40.69 -4.41
CA ALA B 315 -3.30 -40.21 -5.20
C ALA B 315 -3.19 -38.69 -5.13
N GLU B 317 -4.58 -36.27 -3.07
CA GLU B 317 -4.29 -35.60 -1.81
C GLU B 317 -2.77 -35.51 -1.63
N GLY B 318 -2.24 -34.29 -1.70
CA GLY B 318 -0.82 -34.07 -1.51
C GLY B 318 -0.01 -34.23 -2.78
N GLU B 320 1.70 -33.49 -6.25
CA GLU B 320 2.23 -32.42 -7.08
C GLU B 320 1.98 -32.78 -8.52
N PHE B 321 1.69 -31.75 -9.32
CA PHE B 321 1.51 -31.94 -10.75
C PHE B 321 2.00 -30.68 -11.46
N ASP B 322 2.47 -30.84 -12.70
CA ASP B 322 2.97 -29.71 -13.45
C ASP B 322 1.88 -29.05 -14.29
N THR B 323 1.85 -27.72 -14.26
CA THR B 323 0.93 -26.95 -15.08
C THR B 323 1.70 -25.88 -15.87
N PRO B 324 1.01 -25.20 -16.81
CA PRO B 324 1.67 -24.11 -17.51
C PRO B 324 2.16 -23.02 -16.56
N LYS B 325 1.73 -23.09 -15.31
CA LYS B 325 1.96 -22.01 -14.35
C LYS B 325 3.02 -22.40 -13.32
N GLY B 326 3.61 -23.57 -13.50
CA GLY B 326 4.61 -24.08 -12.60
C GLY B 326 4.10 -25.29 -11.86
N LYS B 327 4.84 -25.70 -10.84
CA LYS B 327 4.47 -26.88 -10.05
C LYS B 327 3.32 -26.59 -9.09
N VAL B 329 0.25 -28.23 -6.24
CA VAL B 329 0.06 -29.32 -5.29
C VAL B 329 -1.31 -29.23 -4.60
N PHE B 330 -2.05 -30.33 -4.57
CA PHE B 330 -3.32 -30.34 -3.86
C PHE B 330 -3.12 -30.51 -2.37
N ARG B 331 -3.57 -29.53 -1.58
CA ARG B 331 -3.58 -29.69 -0.14
C ARG B 331 -4.67 -30.69 0.26
N LYS B 332 -4.31 -31.68 1.06
CA LYS B 332 -5.26 -32.74 1.40
C LYS B 332 -6.44 -32.23 2.24
N GLU B 333 -6.17 -31.34 3.18
CA GLU B 333 -7.20 -30.85 4.11
C GLU B 333 -8.39 -30.26 3.37
N ASP B 334 -8.13 -29.41 2.39
CA ASP B 334 -9.25 -28.74 1.72
C ASP B 334 -9.31 -29.02 0.22
N HIS B 335 -8.45 -29.92 -0.26
CA HIS B 335 -8.45 -30.31 -1.67
C HIS B 335 -8.27 -29.11 -2.58
N GLN B 336 -7.37 -28.22 -2.18
CA GLN B 336 -7.15 -26.98 -2.88
C GLN B 336 -5.78 -26.96 -3.56
N ALA B 337 -5.73 -26.48 -4.80
CA ALA B 337 -4.47 -26.36 -5.53
C ALA B 337 -3.64 -25.15 -5.09
N LEU B 338 -2.44 -25.45 -4.58
CA LEU B 338 -1.54 -24.41 -4.14
C LEU B 338 -0.31 -24.42 -5.01
N GLN B 339 0.22 -23.23 -5.31
CA GLN B 339 1.52 -23.12 -5.95
C GLN B 339 2.57 -23.86 -5.10
N SER B 340 3.40 -24.69 -5.73
CA SER B 340 4.30 -25.58 -4.97
C SER B 340 5.73 -25.03 -4.82
N TYR B 342 9.69 -24.19 -2.64
CA TYR B 342 10.72 -24.49 -1.67
C TYR B 342 10.89 -23.19 -0.95
N HIS B 343 11.42 -23.25 0.26
CA HIS B 343 11.59 -22.05 1.04
C HIS B 343 13.05 -21.69 1.12
N PHE B 344 13.32 -20.39 1.00
CA PHE B 344 14.67 -19.90 1.19
C PHE B 344 14.59 -18.75 2.15
N LYS B 345 15.74 -18.41 2.73
CA LYS B 345 15.85 -17.21 3.54
C LYS B 345 17.19 -16.53 3.28
N VAL B 346 17.40 -15.39 3.92
CA VAL B 346 18.70 -14.76 3.81
C VAL B 346 19.04 -14.06 5.12
N LYS B 347 20.25 -14.31 5.61
CA LYS B 347 20.72 -13.69 6.84
C LYS B 347 21.23 -12.30 6.48
N VAL B 348 20.69 -11.27 7.12
CA VAL B 348 21.00 -9.89 6.73
C VAL B 348 21.95 -9.19 7.69
N ASP B 349 22.30 -9.85 8.79
CA ASP B 349 23.15 -9.26 9.82
C ASP B 349 24.53 -8.95 9.24
N PRO B 350 25.20 -9.96 8.69
CA PRO B 350 26.51 -9.70 8.10
C PRO B 350 26.54 -8.42 7.25
N ALA B 351 25.57 -8.25 6.35
CA ALA B 351 25.57 -7.13 5.42
C ALA B 351 25.26 -5.79 6.09
N VAL B 352 24.50 -5.84 7.19
CA VAL B 352 24.15 -4.61 7.89
C VAL B 352 25.27 -4.17 8.83
N ALA B 353 25.87 -5.13 9.54
CA ALA B 353 27.04 -4.83 10.36
C ALA B 353 28.22 -4.49 9.48
N TRP B 354 28.14 -4.82 8.20
CA TRP B 354 29.19 -4.43 7.29
C TRP B 354 28.92 -3.01 6.84
N ALA B 355 27.66 -2.75 6.51
CA ALA B 355 27.29 -1.47 5.93
C ALA B 355 27.50 -0.30 6.87
N VAL B 356 27.44 -0.54 8.18
CA VAL B 356 27.54 0.54 9.15
C VAL B 356 28.99 0.86 9.46
N LEU B 357 29.75 -0.20 9.71
CA LEU B 357 31.19 -0.13 9.89
C LEU B 357 31.85 0.32 8.59
N GLU B 358 31.18 1.20 7.82
CA GLU B 358 31.60 1.50 6.44
C GLU B 358 31.29 2.93 6.01
N GLU B 359 30.14 3.45 6.43
CA GLU B 359 29.81 4.85 6.22
C GLU B 359 30.59 5.76 7.21
N GLY B 360 31.43 5.13 8.04
CA GLY B 360 32.22 5.85 9.02
C GLY B 360 33.63 5.29 9.17
N ASP C 6 11.26 45.64 25.36
CA ASP C 6 10.80 45.28 24.02
C ASP C 6 10.83 43.76 23.82
N LEU C 7 10.23 43.31 22.72
CA LEU C 7 10.25 41.90 22.33
C LEU C 7 10.99 41.78 21.01
N LYS C 8 12.15 41.15 21.05
CA LYS C 8 13.03 41.15 19.88
C LYS C 8 13.15 39.79 19.22
N ILE C 9 12.70 39.68 17.98
CA ILE C 9 12.70 38.40 17.28
C ILE C 9 13.65 38.43 16.08
N ALA C 10 14.48 37.41 15.99
CA ALA C 10 15.39 37.29 14.88
C ALA C 10 14.93 36.17 13.96
N LEU C 11 14.93 36.44 12.66
CA LEU C 11 14.64 35.43 11.66
C LEU C 11 15.82 35.24 10.74
N ILE C 12 16.42 34.05 10.82
CA ILE C 12 17.49 33.67 9.94
C ILE C 12 16.85 33.00 8.76
N TYR C 13 17.30 33.33 7.55
CA TYR C 13 16.79 32.68 6.35
C TYR C 13 17.72 32.86 5.13
N GLY C 14 17.69 31.89 4.22
CA GLY C 14 18.41 31.98 2.97
C GLY C 14 17.74 32.95 2.02
N LYS C 15 17.69 34.22 2.40
CA LYS C 15 17.03 35.28 1.64
C LYS C 15 17.52 35.41 0.20
N THR C 16 18.80 35.19 -0.01
CA THR C 16 19.36 35.16 -1.36
C THR C 16 20.11 33.86 -1.47
N GLY C 17 20.24 33.35 -2.69
CA GLY C 17 20.88 32.06 -2.90
C GLY C 17 19.85 31.03 -3.28
N PRO C 18 20.21 29.75 -3.15
CA PRO C 18 19.50 28.60 -3.71
C PRO C 18 18.07 28.46 -3.17
N LEU C 19 17.85 28.82 -1.91
CA LEU C 19 16.55 28.58 -1.31
C LEU C 19 15.79 29.89 -1.10
N GLU C 20 16.03 30.86 -1.96
CA GLU C 20 15.46 32.19 -1.76
C GLU C 20 13.94 32.22 -1.90
N ALA C 21 13.40 31.32 -2.71
CA ALA C 21 11.95 31.22 -2.85
C ALA C 21 11.28 30.95 -1.50
N TYR C 22 11.76 29.93 -0.81
CA TYR C 22 11.24 29.53 0.49
C TYR C 22 11.39 30.65 1.54
N ALA C 23 12.52 31.32 1.53
CA ALA C 23 12.75 32.43 2.44
C ALA C 23 11.65 33.52 2.40
N LYS C 24 11.34 34.06 1.23
CA LYS C 24 10.30 35.10 1.16
C LYS C 24 9.02 34.59 1.77
N GLN C 25 8.64 33.36 1.41
CA GLN C 25 7.54 32.66 2.05
C GLN C 25 7.62 32.72 3.56
N THR C 26 8.72 32.24 4.11
CA THR C 26 8.90 32.19 5.54
C THR C 26 8.75 33.56 6.20
N GLU C 27 9.25 34.61 5.55
CA GLU C 27 9.18 35.96 6.10
C GLU C 27 7.76 36.48 6.08
N THR C 28 7.10 36.36 4.95
CA THR C 28 5.74 36.84 4.79
C THR C 28 4.83 36.25 5.85
N GLY C 29 4.94 34.94 6.06
CA GLY C 29 4.08 34.29 7.02
C GLY C 29 4.40 34.72 8.43
N LEU C 30 5.69 34.84 8.75
CA LEU C 30 6.08 35.25 10.09
C LEU C 30 5.53 36.61 10.37
N GLY C 33 1.95 36.36 10.66
CA GLY C 33 1.67 35.58 11.85
C GLY C 33 1.57 36.49 13.04
N LEU C 34 2.60 37.34 13.18
CA LEU C 34 2.69 38.28 14.28
C LEU C 34 1.56 39.28 14.23
N GLU C 35 1.20 39.68 13.02
CA GLU C 35 0.12 40.64 12.83
C GLU C 35 -1.23 40.09 13.27
N TYR C 36 -1.64 38.94 12.71
CA TYR C 36 -2.86 38.27 13.17
C TYR C 36 -2.87 38.13 14.68
N ALA C 37 -1.74 37.75 15.26
CA ALA C 37 -1.65 37.44 16.68
C ALA C 37 -1.89 38.64 17.61
N THR C 38 -1.59 39.84 17.12
CA THR C 38 -1.66 41.02 17.97
C THR C 38 -2.81 41.92 17.51
N LYS C 39 -3.65 41.37 16.65
CA LYS C 39 -4.77 42.11 16.04
C LYS C 39 -4.27 43.38 15.35
N GLY C 40 -3.11 43.28 14.69
CA GLY C 40 -2.55 44.40 13.96
C GLY C 40 -1.71 45.38 14.75
N THR C 41 -1.63 45.21 16.07
CA THR C 41 -0.95 46.20 16.88
C THR C 41 0.56 45.97 16.98
N THR C 43 2.10 44.71 19.06
CA THR C 43 2.43 44.87 20.47
C THR C 43 1.80 43.73 21.26
N LEU C 44 2.61 42.99 21.99
CA LEU C 44 2.13 41.86 22.78
C LEU C 44 2.18 42.22 24.25
N ASP C 45 1.02 42.34 24.89
CA ASP C 45 1.00 42.71 26.29
C ASP C 45 1.87 43.96 26.51
N GLY C 46 1.63 45.01 25.72
CA GLY C 46 2.33 46.27 25.91
C GLY C 46 3.73 46.32 25.33
N ARG C 47 4.37 45.16 25.21
CA ARG C 47 5.71 45.06 24.60
C ARG C 47 5.66 45.31 23.10
N LYS C 48 6.64 46.05 22.60
CA LYS C 48 6.72 46.28 21.17
C LYS C 48 7.45 45.12 20.51
N ILE C 49 6.90 44.60 19.43
CA ILE C 49 7.52 43.47 18.75
C ILE C 49 8.39 44.00 17.63
N VAL C 50 9.64 43.54 17.61
CA VAL C 50 10.63 44.00 16.64
C VAL C 50 11.34 42.81 16.00
N VAL C 51 11.38 42.80 14.67
CA VAL C 51 11.90 41.66 13.95
C VAL C 51 13.18 41.97 13.21
N ILE C 52 14.22 41.21 13.45
CA ILE C 52 15.45 41.34 12.70
C ILE C 52 15.73 40.16 11.78
N THR C 53 15.79 40.43 10.48
CA THR C 53 16.13 39.38 9.52
C THR C 53 17.64 39.33 9.24
N LYS C 54 18.14 38.14 8.89
CA LYS C 54 19.55 37.94 8.57
C LYS C 54 19.67 36.99 7.41
N ASP C 55 20.20 37.48 6.29
CA ASP C 55 20.46 36.61 5.14
C ASP C 55 21.67 35.76 5.46
N ASP C 56 21.49 34.44 5.43
CA ASP C 56 22.63 33.51 5.55
C ASP C 56 23.00 32.89 4.20
N GLN C 57 22.21 33.15 3.18
CA GLN C 57 22.50 32.66 1.83
C GLN C 57 22.63 31.14 1.82
N SER C 58 22.07 30.51 2.85
CA SER C 58 22.06 29.05 2.98
C SER C 58 23.47 28.50 3.18
N LYS C 59 24.37 29.36 3.68
CA LYS C 59 25.73 28.95 3.97
C LYS C 59 25.87 28.73 5.45
N PRO C 60 26.26 27.52 5.85
CA PRO C 60 26.22 27.15 7.27
C PRO C 60 27.10 27.98 8.20
N ASP C 61 28.30 28.39 7.76
CA ASP C 61 29.21 29.12 8.65
C ASP C 61 28.87 30.60 8.76
N LEU C 62 28.23 31.13 7.71
CA LEU C 62 27.63 32.46 7.77
C LEU C 62 26.46 32.45 8.73
N SER C 63 25.70 31.37 8.68
CA SER C 63 24.45 31.28 9.44
C SER C 63 24.69 31.24 10.95
N LYS C 64 25.83 30.72 11.36
CA LYS C 64 26.16 30.68 12.78
C LYS C 64 26.56 32.09 13.22
N ALA C 65 27.34 32.75 12.39
CA ALA C 65 27.76 34.12 12.68
C ALA C 65 26.54 35.02 12.74
N ALA C 66 25.66 34.85 11.77
CA ALA C 66 24.42 35.62 11.66
C ALA C 66 23.53 35.46 12.88
N LEU C 67 23.43 34.24 13.38
CA LEU C 67 22.60 33.99 14.54
C LEU C 67 23.30 34.59 15.73
N ALA C 68 24.59 34.30 15.84
CA ALA C 68 25.42 34.83 16.92
C ALA C 68 25.30 36.35 17.01
N GLU C 69 25.26 36.98 15.84
CA GLU C 69 25.14 38.43 15.72
C GLU C 69 23.78 38.95 16.18
N ALA C 70 22.75 38.15 15.96
CA ALA C 70 21.37 38.51 16.33
C ALA C 70 21.12 38.48 17.84
N TYR C 71 21.72 37.50 18.52
CA TYR C 71 21.63 37.44 19.97
C TYR C 71 22.53 38.50 20.55
N GLN C 72 23.81 38.43 20.17
CA GLN C 72 24.85 39.31 20.70
C GLN C 72 24.66 40.77 20.32
N ASP C 73 24.81 41.10 19.06
CA ASP C 73 24.75 42.50 18.65
C ASP C 73 23.34 43.09 18.73
N ASP C 74 22.38 42.40 18.11
CA ASP C 74 21.02 42.94 17.97
C ASP C 74 20.13 42.65 19.17
N GLY C 75 20.61 41.80 20.07
CA GLY C 75 19.92 41.49 21.30
C GLY C 75 18.59 40.77 21.19
N ALA C 76 18.45 39.90 20.19
CA ALA C 76 17.21 39.16 20.01
C ALA C 76 16.96 38.21 21.17
N ASP C 77 15.76 38.27 21.72
CA ASP C 77 15.37 37.41 22.83
C ASP C 77 15.18 35.98 22.37
N ILE C 78 14.89 35.81 21.09
CA ILE C 78 14.52 34.52 20.54
C ILE C 78 14.72 34.55 19.03
N ALA C 79 15.10 33.41 18.44
CA ALA C 79 15.33 33.35 16.99
C ALA C 79 14.50 32.29 16.26
N ILE C 80 14.43 32.40 14.94
CA ILE C 80 13.81 31.42 14.07
C ILE C 80 14.69 31.18 12.83
N GLY C 81 15.02 29.92 12.53
CA GLY C 81 15.78 29.63 11.33
C GLY C 81 16.03 28.15 11.11
N THR C 82 16.43 27.77 9.90
CA THR C 82 16.64 28.70 8.79
C THR C 82 16.23 27.97 7.51
N SER C 83 16.43 28.58 6.35
CA SER C 83 15.88 28.00 5.13
C SER C 83 16.49 26.67 4.74
N SER C 84 17.68 26.36 5.24
CA SER C 84 18.34 25.12 4.86
C SER C 84 18.74 24.31 6.07
N SER C 85 18.45 23.01 6.02
CA SER C 85 18.67 22.11 7.14
C SER C 85 20.14 21.95 7.50
N ALA C 86 20.99 21.94 6.49
CA ALA C 86 22.43 21.89 6.73
C ALA C 86 22.87 23.13 7.52
N ALA C 87 22.44 24.30 7.07
CA ALA C 87 22.81 25.55 7.73
C ALA C 87 22.24 25.64 9.15
N ALA C 88 21.24 24.83 9.43
CA ALA C 88 20.49 24.93 10.69
C ALA C 88 20.90 23.85 11.68
N LEU C 89 21.57 22.82 11.20
CA LEU C 89 22.17 21.86 12.11
C LEU C 89 23.38 22.55 12.72
N ALA C 90 24.06 23.37 11.91
CA ALA C 90 25.25 24.09 12.34
C ALA C 90 24.94 25.13 13.41
N ASP C 91 23.73 25.66 13.37
CA ASP C 91 23.31 26.73 14.28
C ASP C 91 22.90 26.27 15.67
N LEU C 92 22.61 24.98 15.83
CA LEU C 92 22.18 24.44 17.12
C LEU C 92 23.08 24.86 18.27
N PRO C 93 24.40 24.63 18.14
CA PRO C 93 25.33 25.06 19.20
C PRO C 93 25.37 26.58 19.40
N VAL C 94 25.26 27.37 18.33
CA VAL C 94 25.28 28.82 18.47
C VAL C 94 24.23 29.24 19.49
N ALA C 95 23.02 28.71 19.33
CA ALA C 95 21.91 29.06 20.22
C ALA C 95 22.16 28.68 21.69
N GLU C 96 22.81 27.54 21.89
CA GLU C 96 23.15 27.09 23.24
C GLU C 96 24.23 28.00 23.81
N GLU C 97 25.25 28.27 22.99
CA GLU C 97 26.38 29.09 23.40
C GLU C 97 25.95 30.53 23.64
N ASN C 98 24.70 30.83 23.34
CA ASN C 98 24.17 32.16 23.62
C ASN C 98 23.04 32.11 24.63
N LYS C 99 22.71 30.91 25.08
CA LYS C 99 21.66 30.69 26.06
C LYS C 99 20.35 31.35 25.63
N LYS C 100 19.93 31.04 24.41
CA LYS C 100 18.68 31.55 23.84
C LYS C 100 17.98 30.53 22.93
N ILE C 101 16.65 30.58 22.94
CA ILE C 101 15.86 29.62 22.17
C ILE C 101 16.03 29.80 20.67
N LEU C 102 16.13 28.69 19.94
CA LEU C 102 16.04 28.71 18.48
C LEU C 102 14.90 27.84 17.98
N ILE C 103 13.98 28.44 17.25
CA ILE C 103 12.90 27.70 16.63
C ILE C 103 13.31 27.35 15.22
N VAL C 104 13.49 26.05 14.96
CA VAL C 104 14.00 25.57 13.69
C VAL C 104 12.87 25.51 12.67
N GLU C 105 12.99 26.31 11.62
CA GLU C 105 11.93 26.46 10.63
C GLU C 105 12.49 27.19 9.41
N PRO C 106 12.33 26.61 8.21
CA PRO C 106 11.59 25.38 7.91
C PRO C 106 12.52 24.18 7.84
N ALA C 107 13.81 24.46 7.70
CA ALA C 107 14.81 23.41 7.58
C ALA C 107 14.31 22.14 6.88
N ASN C 118 19.55 20.37 22.23
CA ASN C 118 19.65 21.21 23.41
C ASN C 118 18.29 21.57 23.93
N ARG C 119 18.25 21.94 25.20
CA ARG C 119 17.05 22.48 25.80
C ARG C 119 16.67 23.79 25.12
N TYR C 120 17.52 24.23 24.20
CA TYR C 120 17.38 25.55 23.58
C TYR C 120 16.71 25.48 22.22
N ILE C 121 16.69 24.31 21.62
CA ILE C 121 16.08 24.14 20.31
C ILE C 121 14.64 23.68 20.46
N PHE C 122 13.80 24.06 19.49
CA PHE C 122 12.42 23.63 19.43
C PHE C 122 12.12 23.43 17.97
N ARG C 123 11.37 22.38 17.64
CA ARG C 123 11.14 22.02 16.26
C ARG C 123 9.67 22.15 15.83
N THR C 124 9.49 22.31 14.52
CA THR C 124 8.23 22.73 13.92
C THR C 124 7.23 21.60 13.65
N GLY C 125 7.71 20.35 13.65
CA GLY C 125 6.84 19.20 13.46
C GLY C 125 7.18 18.44 12.20
N ARG C 126 6.70 17.20 12.11
CA ARG C 126 6.82 16.40 10.89
C ARG C 126 5.49 16.36 10.16
N ASN C 127 5.50 16.77 8.89
CA ASN C 127 4.27 16.85 8.12
C ASN C 127 4.41 16.15 6.78
N SER C 128 3.30 16.03 6.06
CA SER C 128 3.30 15.30 4.79
C SER C 128 4.01 16.08 3.68
N SER C 129 4.18 17.37 3.87
CA SER C 129 4.84 18.19 2.88
C SER C 129 6.37 18.09 2.99
N GLN C 130 6.87 17.82 4.17
CA GLN C 130 8.29 17.53 4.33
C GLN C 130 8.63 16.23 3.63
N ASP C 131 7.89 15.19 3.97
CA ASP C 131 8.11 13.89 3.35
C ASP C 131 8.18 14.06 1.85
N ALA C 132 7.28 14.85 1.28
CA ALA C 132 7.21 15.04 -0.16
C ALA C 132 8.46 15.67 -0.75
N ILE C 133 9.14 16.48 0.05
CA ILE C 133 10.38 17.10 -0.39
C ILE C 133 11.48 16.06 -0.38
N SER C 134 11.54 15.29 0.71
CA SER C 134 12.48 14.18 0.81
C SER C 134 12.32 13.26 -0.39
N ASN C 135 11.08 12.99 -0.75
CA ASN C 135 10.77 12.28 -1.99
C ASN C 135 11.48 12.88 -3.18
N ALA C 136 11.06 14.09 -3.55
CA ALA C 136 11.53 14.75 -4.75
C ALA C 136 13.05 14.70 -4.83
N VAL C 137 13.69 14.86 -3.67
CA VAL C 137 15.15 14.95 -3.57
C VAL C 137 15.79 13.59 -3.85
N ALA C 138 15.21 12.54 -3.30
CA ALA C 138 15.69 11.19 -3.59
C ALA C 138 15.61 10.94 -5.08
N ILE C 139 14.52 11.40 -5.68
CA ILE C 139 14.24 11.12 -7.08
C ILE C 139 15.24 11.81 -8.00
N GLY C 140 15.51 13.09 -7.73
CA GLY C 140 16.47 13.85 -8.51
C GLY C 140 17.88 13.30 -8.37
N LYS C 141 18.16 12.70 -7.22
CA LYS C 141 19.46 12.09 -6.97
C LYS C 141 19.50 10.70 -7.55
N GLN C 142 18.46 10.30 -8.27
CA GLN C 142 18.41 8.97 -8.87
C GLN C 142 18.55 8.97 -10.39
N GLY C 143 18.66 7.78 -10.95
CA GLY C 143 18.85 7.64 -12.38
C GLY C 143 17.54 7.82 -13.12
N VAL C 144 17.63 8.21 -14.38
CA VAL C 144 16.45 8.28 -15.22
C VAL C 144 16.77 7.50 -16.50
N THR C 145 15.93 6.54 -16.83
CA THR C 145 16.05 5.80 -18.08
C THR C 145 14.80 6.04 -18.89
N ILE C 146 14.96 6.17 -20.19
CA ILE C 146 13.84 6.45 -21.07
C ILE C 146 13.86 5.53 -22.27
N ALA C 147 12.67 5.17 -22.75
CA ALA C 147 12.52 4.36 -23.93
C ALA C 147 11.55 5.07 -24.86
N THR C 148 11.81 4.98 -26.15
CA THR C 148 11.06 5.79 -27.11
C THR C 148 10.07 5.01 -27.97
N LEU C 149 8.89 5.61 -28.16
CA LEU C 149 7.91 5.04 -29.08
C LEU C 149 7.37 6.14 -29.98
N ALA C 150 7.41 5.88 -31.28
CA ALA C 150 6.99 6.87 -32.25
C ALA C 150 6.60 6.18 -33.53
N GLN C 151 6.20 6.98 -34.52
CA GLN C 151 5.82 6.46 -35.83
C GLN C 151 7.06 6.28 -36.71
N ASP C 152 7.10 5.22 -37.49
CA ASP C 152 8.26 5.01 -38.36
C ASP C 152 8.37 6.12 -39.41
N ALA C 154 10.04 9.78 -41.40
CA ALA C 154 9.00 10.69 -40.98
C ALA C 154 9.39 11.42 -39.69
N PHE C 155 8.47 12.26 -39.21
CA PHE C 155 8.72 13.16 -38.08
C PHE C 155 8.99 12.49 -36.73
N GLY C 156 8.74 11.19 -36.65
CA GLY C 156 9.15 10.43 -35.49
C GLY C 156 10.65 10.56 -35.37
N ARG C 157 11.36 9.92 -36.30
CA ARG C 157 12.82 9.91 -36.32
C ARG C 157 13.43 11.31 -36.16
N ASP C 158 12.80 12.31 -36.75
CA ASP C 158 13.26 13.69 -36.57
C ASP C 158 13.00 14.13 -35.14
N GLY C 159 11.76 13.94 -34.70
CA GLY C 159 11.33 14.37 -33.37
C GLY C 159 12.01 13.61 -32.26
N VAL C 160 12.49 12.41 -32.59
CA VAL C 160 13.29 11.61 -31.67
C VAL C 160 14.77 11.71 -32.02
N ALA C 161 15.19 12.90 -32.41
CA ALA C 161 16.60 13.24 -32.50
C ALA C 161 16.67 14.59 -31.84
N ALA C 162 15.54 15.30 -31.88
CA ALA C 162 15.39 16.56 -31.17
C ALA C 162 15.24 16.27 -29.70
N PHE C 163 14.59 15.15 -29.42
CA PHE C 163 14.46 14.70 -28.05
C PHE C 163 15.79 14.07 -27.65
N LYS C 164 16.32 13.25 -28.55
CA LYS C 164 17.59 12.56 -28.33
C LYS C 164 18.69 13.57 -28.04
N GLU C 165 18.59 14.73 -28.67
CA GLU C 165 19.46 15.87 -28.43
C GLU C 165 19.19 16.48 -27.06
N ALA C 166 17.94 16.88 -26.84
CA ALA C 166 17.52 17.46 -25.57
C ALA C 166 17.92 16.58 -24.41
N LEU C 167 17.41 15.36 -24.38
CA LEU C 167 17.74 14.40 -23.34
C LEU C 167 19.26 14.23 -23.11
N ALA C 168 20.07 14.72 -24.04
CA ALA C 168 21.51 14.49 -24.01
C ALA C 168 22.20 15.50 -23.11
N LYS C 169 21.50 16.58 -22.80
CA LYS C 169 22.01 17.58 -21.87
C LYS C 169 21.58 17.17 -20.47
N THR C 170 20.84 16.08 -20.43
CA THR C 170 20.04 15.69 -19.27
C THR C 170 20.76 14.82 -18.23
N GLY C 171 21.32 13.70 -18.66
CA GLY C 171 21.96 12.79 -17.73
C GLY C 171 21.18 11.52 -17.56
N ALA C 172 20.11 11.40 -18.32
CA ALA C 172 19.35 10.17 -18.38
C ALA C 172 19.97 9.26 -19.43
N THR C 173 19.44 8.06 -19.54
CA THR C 173 19.96 7.11 -20.52
C THR C 173 18.82 6.67 -21.42
N LEU C 174 19.10 6.58 -22.71
CA LEU C 174 18.13 6.07 -23.67
C LEU C 174 18.38 4.58 -23.91
N ALA C 175 17.49 3.74 -23.40
CA ALA C 175 17.70 2.31 -23.50
C ALA C 175 17.33 1.78 -24.86
N THR C 176 16.33 2.37 -25.49
CA THR C 176 15.86 1.84 -26.75
C THR C 176 14.93 2.79 -27.47
N GLU C 177 14.80 2.58 -28.77
CA GLU C 177 13.90 3.34 -29.59
C GLU C 177 13.04 2.36 -30.37
N GLU C 178 11.74 2.62 -30.39
CA GLU C 178 10.80 1.74 -31.05
C GLU C 178 9.91 2.52 -32.01
N TYR C 179 10.00 2.16 -33.27
CA TYR C 179 9.22 2.79 -34.32
C TYR C 179 8.22 1.80 -34.92
N VAL C 180 6.98 2.22 -35.07
CA VAL C 180 5.95 1.34 -35.62
C VAL C 180 5.14 2.04 -36.71
N PRO C 181 4.56 1.26 -37.63
CA PRO C 181 3.70 1.81 -38.69
C PRO C 181 2.48 2.50 -38.11
N THR C 182 2.10 3.64 -38.70
CA THR C 182 0.83 4.27 -38.34
C THR C 182 -0.24 3.64 -39.21
N THR C 185 -1.63 0.76 -34.57
CA THR C 185 -2.88 0.00 -34.58
C THR C 185 -3.10 -0.85 -33.32
N ASP C 186 -2.33 -1.93 -33.18
CA ASP C 186 -2.39 -2.79 -32.01
C ASP C 186 -1.02 -2.88 -31.34
N PHE C 187 -0.87 -2.14 -30.23
CA PHE C 187 0.44 -1.91 -29.63
C PHE C 187 0.77 -2.87 -28.48
N THR C 188 0.33 -4.12 -28.62
CA THR C 188 0.63 -5.12 -27.62
C THR C 188 2.10 -5.51 -27.67
N ALA C 189 2.52 -6.09 -28.79
CA ALA C 189 3.89 -6.55 -28.95
C ALA C 189 4.87 -5.41 -28.73
N VAL C 190 4.50 -4.23 -29.19
CA VAL C 190 5.35 -3.05 -29.09
C VAL C 190 5.56 -2.68 -27.64
N GLY C 191 4.46 -2.52 -26.91
CA GLY C 191 4.51 -2.11 -25.53
C GLY C 191 5.25 -3.12 -24.69
N GLN C 192 5.30 -4.35 -25.17
CA GLN C 192 5.96 -5.40 -24.41
C GLN C 192 7.46 -5.25 -24.56
N ARG C 193 7.88 -5.01 -25.79
CA ARG C 193 9.25 -4.71 -26.12
C ARG C 193 9.71 -3.53 -25.27
N LEU C 194 8.82 -2.56 -25.08
CA LEU C 194 9.07 -1.38 -24.26
C LEU C 194 9.17 -1.69 -22.76
N PHE C 195 8.33 -2.61 -22.30
CA PHE C 195 8.36 -2.98 -20.89
C PHE C 195 9.59 -3.83 -20.56
N ASP C 196 9.90 -4.77 -21.44
CA ASP C 196 11.07 -5.63 -21.28
C ASP C 196 12.34 -4.79 -21.30
N ALA C 197 12.27 -3.65 -22.00
CA ALA C 197 13.41 -2.77 -22.16
C ALA C 197 13.67 -1.90 -20.94
N LEU C 198 12.64 -1.60 -20.17
CA LEU C 198 12.77 -0.72 -19.02
C LEU C 198 12.76 -1.46 -17.67
N LYS C 199 12.49 -2.77 -17.71
CA LYS C 199 12.18 -3.56 -16.52
C LYS C 199 12.97 -3.25 -15.27
N ASP C 200 13.87 -4.15 -14.90
CA ASP C 200 14.47 -4.13 -13.58
C ASP C 200 15.55 -3.07 -13.36
N LYS C 201 15.62 -2.09 -14.25
CA LYS C 201 16.53 -0.97 -14.07
C LYS C 201 16.17 -0.20 -12.80
N PRO C 202 17.17 0.38 -12.14
CA PRO C 202 16.88 1.22 -10.97
C PRO C 202 16.61 2.65 -11.39
N GLY C 203 16.02 3.43 -10.50
CA GLY C 203 15.69 4.81 -10.81
C GLY C 203 14.41 4.83 -11.63
N LYS C 204 14.13 5.96 -12.24
CA LYS C 204 12.90 6.10 -13.01
C LYS C 204 12.93 5.42 -14.38
N LYS C 205 11.78 4.87 -14.76
CA LYS C 205 11.58 4.24 -16.05
C LYS C 205 10.45 5.00 -16.71
N ILE C 206 10.58 5.28 -18.01
CA ILE C 206 9.63 6.17 -18.69
C ILE C 206 9.52 5.79 -20.16
N ILE C 207 8.30 5.67 -20.66
CA ILE C 207 8.12 5.54 -22.08
C ILE C 207 7.68 6.88 -22.61
N TRP C 208 8.51 7.44 -23.49
CA TRP C 208 8.28 8.77 -24.04
C TRP C 208 7.77 8.61 -25.45
N VAL C 209 6.50 8.96 -25.64
CA VAL C 209 5.84 8.69 -26.91
C VAL C 209 5.78 9.93 -27.80
N ILE C 210 6.08 9.73 -29.09
CA ILE C 210 6.03 10.81 -30.07
C ILE C 210 4.76 10.75 -30.90
N PRO C 217 -2.28 5.61 -29.01
CA PRO C 217 -1.09 4.85 -28.59
C PRO C 217 -0.98 4.86 -27.07
N LEU C 218 -0.93 6.05 -26.49
CA LEU C 218 -0.80 6.21 -25.04
C LEU C 218 -1.78 5.36 -24.26
N THR C 219 -3.05 5.46 -24.60
CA THR C 219 -4.10 4.78 -23.85
C THR C 219 -3.94 3.27 -23.94
N LYS C 220 -3.70 2.78 -25.16
CA LYS C 220 -3.48 1.35 -25.36
C LYS C 220 -2.44 0.88 -24.36
N LEU C 221 -1.36 1.64 -24.27
CA LEU C 221 -0.23 1.34 -23.42
C LEU C 221 -0.62 1.37 -21.96
N GLN C 222 -1.55 2.26 -21.62
CA GLN C 222 -1.92 2.47 -20.22
C GLN C 222 -2.89 1.39 -19.79
N ASP C 223 -3.55 0.80 -20.78
CA ASP C 223 -4.47 -0.30 -20.53
C ASP C 223 -3.74 -1.56 -20.09
N ASP C 225 -1.39 -1.44 -17.99
CA ASP C 225 -0.94 -1.10 -16.66
C ASP C 225 0.58 -1.24 -16.52
N PRO C 226 1.31 -0.26 -17.03
CA PRO C 226 2.75 -0.19 -16.81
C PRO C 226 3.15 -0.10 -15.34
N LYS C 227 2.27 0.41 -14.48
CA LYS C 227 2.61 0.57 -13.07
C LYS C 227 3.30 -0.69 -12.58
N ARG C 228 2.92 -1.83 -13.15
CA ARG C 228 3.39 -3.13 -12.66
C ARG C 228 4.83 -3.49 -13.04
N TYR C 229 5.49 -2.61 -13.79
CA TYR C 229 6.91 -2.75 -14.08
C TYR C 229 7.68 -1.61 -13.45
N GLY C 230 6.95 -0.64 -12.92
CA GLY C 230 7.55 0.55 -12.35
C GLY C 230 7.79 1.57 -13.43
N ILE C 231 7.04 1.44 -14.52
CA ILE C 231 7.21 2.32 -15.68
C ILE C 231 6.14 3.39 -15.75
N GLU C 232 6.59 4.63 -15.85
CA GLU C 232 5.68 5.74 -16.05
C GLU C 232 5.63 6.06 -17.53
N LEU C 233 4.56 6.74 -17.94
CA LEU C 233 4.41 7.13 -19.32
C LEU C 233 4.69 8.61 -19.39
N SER C 234 4.76 9.12 -20.60
CA SER C 234 5.00 10.54 -20.83
C SER C 234 3.65 11.27 -20.79
N THR C 235 2.85 10.95 -19.79
CA THR C 235 1.56 11.61 -19.59
C THR C 235 1.27 11.80 -18.12
N GLY C 236 1.77 10.88 -17.30
CA GLY C 236 1.57 10.96 -15.85
C GLY C 236 1.90 12.32 -15.27
N GLY C 237 1.89 12.40 -13.95
CA GLY C 237 2.16 13.67 -13.28
C GLY C 237 3.51 13.76 -12.60
N ASN C 238 4.37 14.65 -13.10
CA ASN C 238 5.70 14.78 -12.53
C ASN C 238 6.44 13.46 -12.66
N ILE C 239 6.63 13.02 -13.90
CA ILE C 239 7.32 11.78 -14.15
C ILE C 239 8.83 11.99 -14.11
N LEU C 240 9.24 13.25 -14.19
CA LEU C 240 10.66 13.60 -14.20
C LEU C 240 11.09 14.25 -12.90
N PRO C 241 12.34 14.04 -12.51
CA PRO C 241 12.85 14.74 -11.34
C PRO C 241 12.74 16.25 -11.50
N ALA C 242 12.38 16.95 -10.43
CA ALA C 242 12.34 18.41 -10.43
C ALA C 242 13.74 19.00 -10.54
N LEU C 243 14.27 19.02 -11.75
CA LEU C 243 15.60 19.56 -12.00
C LEU C 243 15.51 20.41 -13.25
N ALA C 244 16.07 21.60 -13.20
CA ALA C 244 15.99 22.53 -14.32
C ALA C 244 16.28 21.81 -15.64
N ALA C 245 17.23 20.87 -15.59
CA ALA C 245 17.63 20.10 -16.78
C ALA C 245 16.45 19.50 -17.55
N TYR C 246 15.44 19.01 -16.82
CA TYR C 246 14.18 18.55 -17.42
C TYR C 246 13.18 19.69 -17.38
N GLY C 251 8.73 20.72 -24.39
CA GLY C 251 8.40 19.44 -23.79
C GLY C 251 7.71 19.54 -22.43
N GLU C 253 7.71 21.89 -19.50
CA GLU C 253 7.78 23.10 -18.66
C GLU C 253 6.94 22.96 -17.39
N GLY C 254 7.09 23.91 -16.47
CA GLY C 254 6.27 23.92 -15.27
C GLY C 254 6.91 23.29 -14.03
N ALA C 255 6.63 23.87 -12.87
CA ALA C 255 7.22 23.41 -11.61
C ALA C 255 6.52 22.18 -11.06
N THR C 256 7.21 21.47 -10.17
CA THR C 256 6.67 20.28 -9.51
C THR C 256 6.09 20.68 -8.16
N TYR C 257 4.79 20.46 -7.97
CA TYR C 257 4.14 20.81 -6.71
C TYR C 257 3.63 19.58 -5.98
N TYR C 258 3.68 19.58 -4.66
CA TYR C 258 3.01 18.57 -3.89
C TYR C 258 1.77 19.20 -3.29
N TYR C 259 0.60 18.64 -3.57
CA TYR C 259 -0.64 19.23 -3.08
C TYR C 259 -1.18 18.52 -1.85
N TYR C 260 -1.88 19.27 -1.01
CA TYR C 260 -2.44 18.71 0.22
C TYR C 260 -3.51 19.62 0.82
N ASP C 261 -4.39 19.03 1.64
CA ASP C 261 -5.54 19.78 2.14
C ASP C 261 -5.58 19.87 3.65
N ILE C 262 -5.87 21.08 4.14
CA ILE C 262 -6.05 21.33 5.57
C ILE C 262 -7.48 21.77 5.83
N PRO C 263 -8.09 21.28 6.93
CA PRO C 263 -9.45 21.68 7.34
C PRO C 263 -9.49 23.16 7.73
N LYS C 264 -10.50 23.89 7.26
CA LYS C 264 -10.63 25.30 7.60
C LYS C 264 -10.61 25.54 9.10
N ASN C 265 -10.18 26.73 9.48
CA ASN C 265 -10.26 27.19 10.87
C ASN C 265 -10.09 28.69 10.87
N PRO C 266 -10.32 29.35 12.01
CA PRO C 266 -10.30 30.81 12.01
C PRO C 266 -8.98 31.38 11.48
N ILE C 267 -7.85 30.76 11.82
CA ILE C 267 -6.55 31.22 11.37
C ILE C 267 -6.30 30.91 9.90
N ASN C 268 -6.56 29.67 9.51
CA ASN C 268 -6.73 29.31 8.10
C ASN C 268 -7.30 30.44 7.26
N GLU C 269 -8.57 30.74 7.53
CA GLU C 269 -9.34 31.65 6.71
C GLU C 269 -8.64 32.98 6.63
N TRP C 270 -8.22 33.50 7.79
CA TRP C 270 -7.53 34.77 7.83
C TRP C 270 -6.31 34.70 6.92
N LEU C 271 -5.46 33.72 7.15
CA LEU C 271 -4.28 33.57 6.32
C LEU C 271 -4.67 33.58 4.85
N VAL C 272 -5.59 32.70 4.49
CA VAL C 272 -5.93 32.52 3.08
C VAL C 272 -6.61 33.73 2.48
N THR C 273 -7.50 34.35 3.25
CA THR C 273 -8.23 35.53 2.79
C THR C 273 -7.33 36.75 2.59
N GLU C 274 -6.47 37.03 3.57
CA GLU C 274 -5.58 38.18 3.50
C GLU C 274 -4.44 37.98 2.52
N HIS C 275 -3.84 36.79 2.54
CA HIS C 275 -2.74 36.51 1.63
C HIS C 275 -3.22 36.61 0.19
N GLN C 276 -4.35 35.99 -0.09
CA GLN C 276 -4.95 36.06 -1.41
C GLN C 276 -5.38 37.49 -1.74
N LYS C 277 -5.81 38.23 -0.73
CA LYS C 277 -6.22 39.62 -0.94
C LYS C 277 -5.03 40.55 -1.24
N ARG C 278 -3.93 40.35 -0.54
CA ARG C 278 -2.75 41.20 -0.67
C ARG C 278 -1.81 40.79 -1.82
N PHE C 279 -1.83 39.51 -2.18
CA PHE C 279 -0.82 39.00 -3.11
C PHE C 279 -1.41 38.31 -4.33
N ASN C 280 -2.72 38.18 -4.36
CA ASN C 280 -3.39 37.49 -5.46
C ASN C 280 -2.88 36.05 -5.66
N ALA C 281 -2.46 35.42 -4.57
CA ALA C 281 -2.00 34.03 -4.59
C ALA C 281 -2.30 33.47 -3.22
N PRO C 282 -2.45 32.14 -3.12
CA PRO C 282 -2.76 31.53 -1.82
C PRO C 282 -1.51 31.35 -1.00
N PRO C 283 -1.65 31.24 0.32
CA PRO C 283 -0.49 30.97 1.17
C PRO C 283 0.05 29.59 0.84
N ASP C 284 1.37 29.43 0.79
CA ASP C 284 1.92 28.10 0.57
C ASP C 284 2.42 27.50 1.89
N PHE C 285 2.98 26.29 1.79
CA PHE C 285 3.52 25.58 2.95
C PHE C 285 4.50 26.41 3.77
N PHE C 286 5.40 27.09 3.08
CA PHE C 286 6.44 27.81 3.81
C PHE C 286 5.88 29.07 4.48
N THR C 287 4.93 29.74 3.83
CA THR C 287 4.25 30.87 4.45
C THR C 287 3.54 30.46 5.73
N ALA C 288 2.85 29.33 5.68
CA ALA C 288 2.10 28.87 6.84
C ALA C 288 3.08 28.49 7.95
N GLY C 289 4.27 28.06 7.55
CA GLY C 289 5.31 27.64 8.47
C GLY C 289 5.81 28.79 9.31
N GLY C 290 6.13 29.90 8.65
CA GLY C 290 6.56 31.08 9.35
C GLY C 290 5.46 31.55 10.27
N PHE C 291 4.23 31.42 9.80
CA PHE C 291 3.06 31.72 10.60
C PHE C 291 3.05 30.90 11.89
N SER C 292 3.16 29.57 11.76
CA SER C 292 3.14 28.71 12.93
C SER C 292 4.17 29.16 13.94
N ALA C 293 5.41 29.31 13.50
CA ALA C 293 6.48 29.78 14.37
C ALA C 293 6.11 31.11 15.00
N ALA C 294 5.46 31.98 14.22
CA ALA C 294 5.04 33.26 14.74
C ALA C 294 4.11 33.04 15.91
N ALA C 296 3.88 30.45 17.87
CA ALA C 296 4.57 29.87 19.02
C ALA C 296 5.22 30.95 19.88
N VAL C 297 6.04 31.79 19.25
CA VAL C 297 6.71 32.87 19.97
C VAL C 297 5.70 33.70 20.75
N VAL C 298 4.72 34.23 20.06
CA VAL C 298 3.70 35.05 20.71
C VAL C 298 3.05 34.31 21.87
N THR C 299 2.66 33.07 21.62
CA THR C 299 1.98 32.27 22.61
C THR C 299 2.90 32.09 23.81
N ALA C 300 4.20 31.99 23.54
CA ALA C 300 5.18 31.72 24.58
C ALA C 300 5.43 32.94 25.46
N VAL C 301 5.73 34.07 24.83
CA VAL C 301 6.00 35.28 25.59
C VAL C 301 4.76 35.70 26.37
N GLN C 302 3.57 35.39 25.85
CA GLN C 302 2.38 35.72 26.59
C GLN C 302 2.16 34.81 27.79
N LYS C 303 2.43 33.52 27.62
CA LYS C 303 2.23 32.56 28.70
C LYS C 303 3.32 32.68 29.76
N ALA C 304 4.50 33.14 29.33
CA ALA C 304 5.62 33.29 30.24
C ALA C 304 5.56 34.62 30.96
N LYS C 305 4.79 35.55 30.42
CA LYS C 305 4.75 36.92 30.90
C LYS C 305 6.17 37.51 31.06
N SER C 306 7.06 37.12 30.16
CA SER C 306 8.44 37.59 30.18
C SER C 306 9.14 37.15 28.90
N THR C 307 10.43 37.45 28.80
CA THR C 307 11.19 37.03 27.62
C THR C 307 12.51 36.40 28.06
N ASP C 308 12.56 35.99 29.33
CA ASP C 308 13.73 35.29 29.85
C ASP C 308 13.75 33.86 29.30
N THR C 309 14.86 33.52 28.64
CA THR C 309 15.03 32.20 28.04
C THR C 309 14.57 31.05 28.95
N GLU C 310 14.98 31.10 30.21
CA GLU C 310 14.66 30.02 31.13
C GLU C 310 13.16 29.89 31.31
N LYS C 311 12.46 31.01 31.33
CA LYS C 311 11.03 30.98 31.57
C LYS C 311 10.26 30.67 30.31
N LEU C 312 10.89 30.93 29.16
CA LEU C 312 10.27 30.61 27.88
C LEU C 312 10.33 29.11 27.59
N ILE C 313 11.51 28.52 27.75
CA ILE C 313 11.64 27.06 27.67
C ILE C 313 10.57 26.41 28.55
N ALA C 314 10.38 26.96 29.75
CA ALA C 314 9.39 26.47 30.70
C ALA C 314 7.96 26.57 30.14
N ALA C 315 7.66 27.71 29.52
CA ALA C 315 6.31 27.99 29.06
C ALA C 315 5.95 27.09 27.89
N GLU C 317 7.44 24.22 26.96
CA GLU C 317 7.45 22.80 27.26
C GLU C 317 6.04 22.33 27.60
N GLY C 318 5.53 21.40 26.78
CA GLY C 318 4.16 20.94 26.90
C GLY C 318 3.13 21.95 26.45
N GLU C 320 0.59 24.16 24.35
CA GLU C 320 -0.29 24.13 23.19
C GLU C 320 -0.36 25.50 22.53
N PHE C 321 -0.42 25.52 21.21
CA PHE C 321 -0.62 26.76 20.47
C PHE C 321 -1.33 26.54 19.13
N ASP C 322 -2.18 27.48 18.75
CA ASP C 322 -2.94 27.41 17.49
C ASP C 322 -2.15 27.93 16.29
N THR C 323 -2.22 27.20 15.19
CA THR C 323 -1.46 27.55 14.01
C THR C 323 -2.43 27.50 12.85
N PRO C 324 -1.97 27.90 11.65
CA PRO C 324 -2.85 27.76 10.49
C PRO C 324 -3.18 26.30 10.22
N LYS C 325 -2.37 25.41 10.77
CA LYS C 325 -2.50 23.97 10.50
C LYS C 325 -3.49 23.34 11.47
N GLY C 326 -3.76 24.04 12.57
CA GLY C 326 -4.61 23.51 13.61
C GLY C 326 -3.92 23.72 14.95
N LYS C 327 -4.39 23.02 15.97
CA LYS C 327 -3.83 23.13 17.31
C LYS C 327 -2.58 22.25 17.42
N VAL C 329 1.27 21.28 19.66
CA VAL C 329 1.70 21.13 21.03
C VAL C 329 3.19 20.80 21.04
N PHE C 330 3.91 21.31 22.02
CA PHE C 330 5.34 21.01 22.13
C PHE C 330 5.54 19.81 23.06
N ARG C 331 6.06 18.73 22.52
CA ARG C 331 6.44 17.62 23.37
C ARG C 331 7.64 18.04 24.21
N LYS C 332 7.51 17.95 25.53
CA LYS C 332 8.62 18.34 26.40
C LYS C 332 9.86 17.51 26.13
N GLU C 333 9.68 16.21 26.00
CA GLU C 333 10.80 15.28 25.99
C GLU C 333 11.85 15.67 24.95
N ASP C 334 11.38 16.11 23.78
CA ASP C 334 12.24 16.33 22.63
C ASP C 334 11.95 17.63 21.89
N HIS C 335 11.20 18.51 22.55
CA HIS C 335 10.95 19.85 22.01
C HIS C 335 10.44 19.84 20.57
N GLN C 336 9.79 18.75 20.18
CA GLN C 336 9.19 18.62 18.86
C GLN C 336 7.71 18.96 18.94
N ALA C 337 7.19 19.62 17.92
CA ALA C 337 5.78 20.00 17.90
C ALA C 337 4.87 18.98 17.19
N LEU C 338 3.83 18.58 17.89
CA LEU C 338 2.89 17.61 17.38
C LEU C 338 1.50 18.20 17.27
N GLN C 339 0.76 17.76 16.26
CA GLN C 339 -0.67 17.96 16.24
C GLN C 339 -1.23 17.65 17.64
N SER C 340 -1.90 18.64 18.25
CA SER C 340 -2.57 18.43 19.53
C SER C 340 -3.95 17.83 19.31
N TYR C 342 -7.47 15.01 20.42
CA TYR C 342 -8.30 14.21 21.29
C TYR C 342 -8.38 12.82 20.72
N HIS C 343 -8.72 11.86 21.56
CA HIS C 343 -8.82 10.47 21.11
C HIS C 343 -10.24 9.93 21.19
N PHE C 344 -10.72 9.43 20.07
CA PHE C 344 -12.03 8.82 20.02
C PHE C 344 -11.86 7.36 19.64
N LYS C 345 -12.85 6.55 19.97
CA LYS C 345 -12.87 5.18 19.52
C LYS C 345 -14.29 4.83 19.12
N VAL C 346 -14.42 3.73 18.39
CA VAL C 346 -15.71 3.27 17.95
C VAL C 346 -15.77 1.77 18.16
N LYS C 347 -16.90 1.33 18.72
CA LYS C 347 -17.14 -0.07 19.02
C LYS C 347 -17.85 -0.69 17.83
N VAL C 348 -17.30 -1.77 17.30
CA VAL C 348 -17.80 -2.33 16.05
C VAL C 348 -18.69 -3.54 16.29
N ASP C 349 -18.61 -4.09 17.49
CA ASP C 349 -19.28 -5.35 17.80
C ASP C 349 -20.78 -5.33 17.55
N PRO C 350 -21.50 -4.37 18.12
CA PRO C 350 -22.95 -4.34 17.93
C PRO C 350 -23.31 -4.34 16.44
N ALA C 351 -22.52 -3.63 15.64
CA ALA C 351 -22.84 -3.44 14.23
C ALA C 351 -22.55 -4.70 13.45
N VAL C 352 -21.48 -5.37 13.84
CA VAL C 352 -21.06 -6.58 13.18
C VAL C 352 -22.02 -7.67 13.53
N ALA C 353 -22.31 -7.80 14.82
CA ALA C 353 -23.26 -8.79 15.31
C ALA C 353 -24.61 -8.63 14.63
N TRP C 354 -24.87 -7.43 14.14
CA TRP C 354 -26.13 -7.12 13.47
C TRP C 354 -26.04 -7.64 12.07
N ALA C 355 -24.96 -7.30 11.38
CA ALA C 355 -24.82 -7.64 9.98
C ALA C 355 -25.04 -9.13 9.71
N VAL C 356 -24.40 -9.98 10.51
CA VAL C 356 -24.49 -11.42 10.30
C VAL C 356 -25.92 -11.90 10.52
N LEU C 357 -26.59 -11.27 11.48
CA LEU C 357 -27.97 -11.60 11.79
C LEU C 357 -28.93 -10.68 11.04
N ASP D 6 -42.13 27.65 17.45
CA ASP D 6 -41.27 26.63 18.04
C ASP D 6 -40.39 25.95 17.01
N LEU D 7 -39.35 25.28 17.48
CA LEU D 7 -38.48 24.49 16.62
C LEU D 7 -38.55 23.03 17.05
N LYS D 8 -39.15 22.20 16.20
CA LYS D 8 -39.35 20.79 16.55
C LYS D 8 -38.48 19.83 15.74
N ILE D 9 -37.67 19.06 16.44
CA ILE D 9 -36.71 18.17 15.81
C ILE D 9 -37.00 16.74 16.22
N ALA D 10 -37.03 15.85 15.23
CA ALA D 10 -37.26 14.44 15.50
C ALA D 10 -35.97 13.65 15.49
N LEU D 11 -35.82 12.75 16.47
CA LEU D 11 -34.72 11.80 16.48
C LEU D 11 -35.29 10.40 16.33
N ILE D 12 -35.16 9.83 15.13
CA ILE D 12 -35.48 8.44 14.93
C ILE D 12 -34.23 7.65 15.24
N TYR D 13 -34.39 6.53 15.95
CA TYR D 13 -33.25 5.72 16.38
C TYR D 13 -33.63 4.34 16.95
N GLY D 14 -32.66 3.43 16.97
CA GLY D 14 -32.86 2.10 17.52
C GLY D 14 -32.56 2.06 19.00
N LYS D 15 -33.39 2.75 19.78
CA LYS D 15 -33.23 2.85 21.23
C LYS D 15 -33.27 1.49 21.91
N THR D 16 -34.06 0.59 21.35
CA THR D 16 -34.05 -0.80 21.79
C THR D 16 -33.72 -1.66 20.60
N GLY D 17 -33.38 -2.91 20.85
CA GLY D 17 -32.98 -3.80 19.77
C GLY D 17 -31.49 -3.83 19.54
N PRO D 18 -31.09 -4.27 18.34
CA PRO D 18 -29.73 -4.61 17.92
C PRO D 18 -28.72 -3.45 18.00
N LEU D 19 -29.17 -2.22 17.79
CA LEU D 19 -28.27 -1.07 17.74
C LEU D 19 -28.50 -0.10 18.89
N GLU D 20 -28.84 -0.65 20.06
CA GLU D 20 -29.32 0.15 21.17
C GLU D 20 -28.23 1.00 21.80
N ALA D 21 -26.99 0.53 21.71
CA ALA D 21 -25.87 1.26 22.31
C ALA D 21 -25.52 2.48 21.47
N TYR D 22 -25.52 2.30 20.16
CA TYR D 22 -25.33 3.43 19.24
C TYR D 22 -26.42 4.47 19.42
N ALA D 23 -27.68 4.03 19.40
CA ALA D 23 -28.80 4.94 19.56
C ALA D 23 -28.63 5.82 20.79
N LYS D 24 -28.19 5.24 21.89
CA LYS D 24 -28.09 5.99 23.15
C LYS D 24 -27.09 7.13 23.03
N GLN D 25 -26.00 6.86 22.32
CA GLN D 25 -24.94 7.84 22.13
C GLN D 25 -25.33 8.90 21.12
N THR D 26 -26.03 8.48 20.07
CA THR D 26 -26.56 9.43 19.09
C THR D 26 -27.41 10.52 19.75
N GLU D 27 -28.25 10.13 20.71
CA GLU D 27 -29.14 11.05 21.42
C GLU D 27 -28.38 11.97 22.37
N THR D 28 -27.56 11.36 23.23
CA THR D 28 -26.73 12.11 24.15
C THR D 28 -26.02 13.24 23.41
N GLY D 29 -25.42 12.87 22.27
CA GLY D 29 -24.73 13.83 21.43
C GLY D 29 -25.67 14.87 20.85
N LEU D 30 -26.89 14.47 20.52
CA LEU D 30 -27.83 15.41 19.95
C LEU D 30 -28.24 16.45 20.97
N GLY D 33 -25.16 18.74 21.71
CA GLY D 33 -24.94 19.56 20.54
C GLY D 33 -25.87 20.75 20.58
N LEU D 34 -27.12 20.48 20.95
CA LEU D 34 -28.14 21.51 21.13
C LEU D 34 -27.80 22.44 22.31
N GLU D 35 -27.42 21.85 23.44
CA GLU D 35 -27.00 22.64 24.58
C GLU D 35 -25.91 23.67 24.19
N TYR D 36 -24.76 23.16 23.74
CA TYR D 36 -23.64 24.02 23.34
C TYR D 36 -24.03 25.05 22.30
N ALA D 37 -24.81 24.62 21.32
CA ALA D 37 -25.24 25.50 20.24
C ALA D 37 -26.05 26.71 20.74
N THR D 38 -26.73 26.55 21.87
CA THR D 38 -27.63 27.60 22.37
C THR D 38 -27.14 28.17 23.69
N LYS D 39 -25.94 27.76 24.09
CA LYS D 39 -25.36 28.21 25.36
C LYS D 39 -26.27 27.88 26.54
N GLY D 40 -26.94 26.74 26.45
CA GLY D 40 -27.78 26.26 27.53
C GLY D 40 -29.21 26.76 27.46
N THR D 41 -29.43 27.82 26.69
CA THR D 41 -30.77 28.42 26.59
C THR D 41 -31.76 27.49 25.91
N THR D 43 -32.82 27.61 23.10
CA THR D 43 -33.67 28.39 22.22
C THR D 43 -32.76 29.05 21.20
N LEU D 44 -33.27 29.21 19.98
CA LEU D 44 -32.54 29.89 18.91
C LEU D 44 -33.43 30.94 18.26
N ASP D 45 -33.01 32.20 18.35
CA ASP D 45 -33.76 33.32 17.77
C ASP D 45 -35.23 33.34 18.19
N GLY D 46 -35.46 33.06 19.48
CA GLY D 46 -36.79 33.12 20.06
C GLY D 46 -37.58 31.82 19.99
N ARG D 47 -36.99 30.79 19.41
CA ARG D 47 -37.67 29.51 19.28
C ARG D 47 -37.24 28.53 20.37
N LYS D 48 -38.17 28.15 21.23
CA LYS D 48 -37.92 27.06 22.15
C LYS D 48 -37.60 25.83 21.29
N ILE D 49 -36.63 25.04 21.72
CA ILE D 49 -36.28 23.83 20.98
C ILE D 49 -36.85 22.58 21.64
N VAL D 50 -37.60 21.80 20.86
CA VAL D 50 -38.24 20.60 21.34
C VAL D 50 -37.69 19.40 20.58
N VAL D 51 -37.38 18.33 21.31
CA VAL D 51 -36.86 17.12 20.71
C VAL D 51 -37.80 15.92 20.98
N ILE D 52 -38.13 15.19 19.93
CA ILE D 52 -39.07 14.09 20.02
C ILE D 52 -38.39 12.80 19.60
N THR D 53 -38.38 11.79 20.45
CA THR D 53 -37.72 10.54 20.10
C THR D 53 -38.66 9.38 19.73
N LYS D 54 -38.33 8.70 18.63
CA LYS D 54 -39.08 7.54 18.19
C LYS D 54 -38.19 6.31 18.19
N ASP D 55 -38.55 5.29 18.93
CA ASP D 55 -37.83 4.02 18.86
C ASP D 55 -38.36 3.23 17.68
N ASP D 56 -37.50 3.00 16.69
CA ASP D 56 -37.86 2.16 15.55
C ASP D 56 -37.37 0.72 15.73
N GLN D 57 -36.66 0.48 16.83
CA GLN D 57 -36.15 -0.85 17.16
C GLN D 57 -35.27 -1.41 16.03
N SER D 58 -34.93 -0.53 15.10
CA SER D 58 -34.12 -0.89 13.93
C SER D 58 -34.93 -1.70 12.93
N LYS D 59 -36.23 -1.75 13.16
CA LYS D 59 -37.16 -2.30 12.18
C LYS D 59 -37.56 -1.25 11.13
N PRO D 60 -37.24 -1.51 9.85
CA PRO D 60 -37.57 -0.58 8.76
C PRO D 60 -39.06 -0.21 8.66
N ASP D 61 -39.95 -1.18 8.85
CA ASP D 61 -41.38 -0.90 8.72
C ASP D 61 -41.85 -0.06 9.90
N LEU D 62 -41.31 -0.35 11.08
CA LEU D 62 -41.58 0.47 12.26
C LEU D 62 -41.09 1.88 12.02
N SER D 63 -39.91 1.98 11.41
CA SER D 63 -39.20 3.23 11.26
C SER D 63 -39.90 4.21 10.33
N LYS D 64 -40.42 3.72 9.20
CA LYS D 64 -41.12 4.60 8.28
C LYS D 64 -42.37 5.14 8.99
N ALA D 65 -42.89 4.33 9.92
CA ALA D 65 -44.07 4.72 10.69
C ALA D 65 -43.73 5.80 11.72
N ALA D 66 -42.74 5.50 12.56
CA ALA D 66 -42.23 6.42 13.57
C ALA D 66 -41.91 7.77 12.95
N LEU D 67 -41.23 7.75 11.82
CA LEU D 67 -40.91 9.00 11.13
C LEU D 67 -42.16 9.65 10.57
N ALA D 68 -43.14 8.82 10.21
CA ALA D 68 -44.42 9.31 9.72
C ALA D 68 -45.13 10.05 10.84
N GLU D 69 -45.35 9.34 11.95
CA GLU D 69 -45.89 9.95 13.14
C GLU D 69 -45.16 11.27 13.46
N ALA D 70 -43.84 11.16 13.66
CA ALA D 70 -43.00 12.31 13.98
C ALA D 70 -43.31 13.57 13.17
N TYR D 71 -43.53 13.41 11.86
CA TYR D 71 -43.86 14.52 10.98
C TYR D 71 -45.32 14.94 11.09
N GLN D 72 -46.21 13.99 10.79
CA GLN D 72 -47.64 14.26 10.67
C GLN D 72 -48.31 14.63 12.00
N ASP D 73 -48.08 13.82 13.03
CA ASP D 73 -48.70 14.03 14.33
C ASP D 73 -47.98 15.06 15.20
N ASP D 74 -46.69 14.81 15.47
CA ASP D 74 -45.89 15.64 16.39
C ASP D 74 -45.57 17.01 15.82
N GLY D 75 -45.55 17.11 14.49
CA GLY D 75 -45.24 18.36 13.82
C GLY D 75 -43.74 18.65 13.73
N ALA D 76 -42.92 17.61 13.85
CA ALA D 76 -41.47 17.77 13.77
C ALA D 76 -41.16 18.51 12.49
N ASP D 77 -40.47 19.66 12.60
CA ASP D 77 -40.19 20.51 11.46
C ASP D 77 -39.02 19.99 10.63
N ILE D 78 -38.34 18.99 11.19
CA ILE D 78 -37.17 18.39 10.56
C ILE D 78 -36.87 17.10 11.31
N ALA D 79 -36.13 16.20 10.69
CA ALA D 79 -35.85 14.91 11.33
C ALA D 79 -34.39 14.44 11.19
N ILE D 80 -33.94 13.69 12.20
CA ILE D 80 -32.61 13.10 12.20
C ILE D 80 -32.75 11.61 12.43
N GLY D 81 -32.02 10.83 11.66
CA GLY D 81 -32.04 9.39 11.83
C GLY D 81 -31.50 8.65 10.63
N THR D 82 -31.31 7.34 10.78
CA THR D 82 -31.55 6.67 12.05
C THR D 82 -30.49 5.61 12.32
N SER D 83 -30.64 4.84 13.40
CA SER D 83 -29.61 3.88 13.79
C SER D 83 -29.26 2.85 12.72
N SER D 84 -30.28 2.25 12.09
CA SER D 84 -30.03 1.25 11.05
C SER D 84 -29.86 1.89 9.67
N SER D 85 -29.00 1.31 8.85
CA SER D 85 -28.83 1.76 7.47
C SER D 85 -30.07 1.39 6.67
N ALA D 86 -30.50 0.14 6.81
CA ALA D 86 -31.71 -0.36 6.16
C ALA D 86 -32.98 0.43 6.52
N ALA D 87 -33.18 0.69 7.81
CA ALA D 87 -34.35 1.44 8.26
C ALA D 87 -34.27 2.87 7.77
N ALA D 88 -33.04 3.36 7.65
CA ALA D 88 -32.80 4.69 7.13
C ALA D 88 -33.16 4.77 5.65
N LEU D 89 -32.92 3.68 4.91
CA LEU D 89 -33.21 3.64 3.49
C LEU D 89 -34.70 3.52 3.21
N ALA D 90 -35.43 2.82 4.07
CA ALA D 90 -36.88 2.79 3.97
C ALA D 90 -37.47 4.18 4.19
N ASP D 91 -36.82 4.95 5.05
CA ASP D 91 -37.30 6.26 5.51
C ASP D 91 -37.16 7.37 4.47
N LEU D 92 -36.22 7.22 3.56
CA LEU D 92 -36.02 8.25 2.55
C LEU D 92 -37.33 8.73 1.90
N PRO D 93 -38.13 7.80 1.35
CA PRO D 93 -39.41 8.22 0.76
C PRO D 93 -40.26 9.06 1.72
N VAL D 94 -40.35 8.61 2.96
CA VAL D 94 -41.22 9.24 3.94
C VAL D 94 -40.98 10.74 4.06
N ALA D 95 -39.71 11.13 4.16
CA ALA D 95 -39.33 12.53 4.16
C ALA D 95 -39.93 13.26 2.97
N GLU D 96 -39.76 12.65 1.80
CA GLU D 96 -40.25 13.19 0.54
C GLU D 96 -41.77 13.21 0.54
N GLU D 97 -42.37 12.14 1.05
CA GLU D 97 -43.82 12.01 1.15
C GLU D 97 -44.44 13.05 2.08
N ASN D 98 -43.61 13.70 2.88
CA ASN D 98 -44.09 14.67 3.87
C ASN D 98 -43.60 16.08 3.61
N LYS D 99 -42.80 16.24 2.56
CA LYS D 99 -42.23 17.55 2.27
C LYS D 99 -41.46 18.13 3.46
N LYS D 100 -40.75 17.25 4.18
CA LYS D 100 -39.89 17.66 5.30
C LYS D 100 -38.52 16.99 5.25
N ILE D 101 -37.51 17.68 5.78
CA ILE D 101 -36.11 17.24 5.69
C ILE D 101 -35.73 16.12 6.65
N LEU D 102 -35.03 15.10 6.13
CA LEU D 102 -34.37 14.11 6.98
C LEU D 102 -32.85 14.18 6.89
N ILE D 103 -32.20 14.16 8.04
CA ILE D 103 -30.76 14.05 8.12
C ILE D 103 -30.43 12.62 8.53
N VAL D 104 -29.65 11.93 7.70
CA VAL D 104 -29.38 10.52 7.90
C VAL D 104 -28.19 10.31 8.82
N GLU D 105 -28.48 9.85 10.03
CA GLU D 105 -27.46 9.76 11.06
C GLU D 105 -27.90 8.76 12.13
N PRO D 106 -27.05 7.75 12.40
CA PRO D 106 -25.72 7.52 11.80
C PRO D 106 -25.73 6.64 10.56
N ALA D 107 -26.67 5.71 10.47
CA ALA D 107 -26.76 4.80 9.34
C ALA D 107 -25.40 4.45 8.73
N ASN D 118 -33.31 12.15 -3.03
CA ASN D 118 -34.28 13.16 -2.59
C ASN D 118 -33.59 14.46 -2.27
N ARG D 119 -34.17 15.55 -2.73
CA ARG D 119 -33.70 16.89 -2.36
C ARG D 119 -34.06 17.20 -0.88
N TYR D 120 -34.42 16.15 -0.14
CA TYR D 120 -34.83 16.29 1.26
C TYR D 120 -33.85 15.57 2.18
N ILE D 121 -33.04 14.70 1.59
CA ILE D 121 -32.05 13.95 2.37
C ILE D 121 -30.79 14.77 2.42
N PHE D 122 -30.17 14.77 3.59
CA PHE D 122 -28.82 15.33 3.77
C PHE D 122 -28.05 14.27 4.51
N ARG D 123 -26.86 13.98 4.01
CA ARG D 123 -26.08 12.88 4.57
C ARG D 123 -24.90 13.39 5.38
N THR D 124 -24.23 12.49 6.08
CA THR D 124 -23.36 12.89 7.18
C THR D 124 -21.86 12.87 6.85
N GLY D 125 -21.50 12.31 5.70
CA GLY D 125 -20.11 12.21 5.31
C GLY D 125 -19.57 10.79 5.34
N ARG D 126 -18.72 10.48 4.39
CA ARG D 126 -17.91 9.28 4.47
C ARG D 126 -16.81 9.60 5.47
N ASN D 127 -16.35 8.59 6.21
CA ASN D 127 -15.28 8.81 7.17
C ASN D 127 -14.55 7.55 7.63
N SER D 128 -13.50 7.74 8.42
CA SER D 128 -12.61 6.66 8.81
C SER D 128 -13.30 5.65 9.69
N SER D 129 -14.13 6.14 10.60
CA SER D 129 -14.85 5.28 11.54
C SER D 129 -15.86 4.37 10.80
N GLN D 130 -16.61 4.95 9.89
CA GLN D 130 -17.57 4.18 9.12
C GLN D 130 -16.88 3.12 8.26
N ASP D 131 -15.76 3.49 7.65
CA ASP D 131 -15.00 2.52 6.85
C ASP D 131 -14.46 1.39 7.71
N ALA D 132 -14.16 1.70 8.97
CA ALA D 132 -13.68 0.70 9.91
C ALA D 132 -14.80 -0.25 10.32
N ILE D 133 -15.98 0.31 10.54
CA ILE D 133 -17.16 -0.48 10.84
C ILE D 133 -17.52 -1.38 9.65
N SER D 134 -17.67 -0.78 8.48
CA SER D 134 -17.90 -1.56 7.28
C SER D 134 -16.90 -2.71 7.21
N ASN D 135 -15.64 -2.41 7.52
CA ASN D 135 -14.60 -3.42 7.52
C ASN D 135 -14.88 -4.58 8.44
N ALA D 136 -15.04 -4.28 9.72
CA ALA D 136 -15.38 -5.29 10.71
C ALA D 136 -16.57 -6.15 10.27
N VAL D 137 -17.59 -5.50 9.72
CA VAL D 137 -18.77 -6.19 9.23
C VAL D 137 -18.39 -7.22 8.17
N ALA D 138 -17.71 -6.76 7.11
CA ALA D 138 -17.24 -7.69 6.10
C ALA D 138 -16.59 -8.87 6.79
N ILE D 139 -15.52 -8.59 7.51
CA ILE D 139 -14.80 -9.62 8.24
C ILE D 139 -15.71 -10.62 8.96
N GLY D 140 -16.74 -10.12 9.62
CA GLY D 140 -17.65 -10.96 10.37
C GLY D 140 -18.46 -11.90 9.50
N LYS D 141 -18.67 -11.49 8.26
CA LYS D 141 -19.37 -12.29 7.28
C LYS D 141 -18.40 -13.12 6.45
N GLN D 142 -17.25 -13.45 7.04
CA GLN D 142 -16.24 -14.20 6.31
C GLN D 142 -15.65 -15.33 7.14
N GLY D 143 -15.02 -16.28 6.47
CA GLY D 143 -14.50 -17.44 7.15
C GLY D 143 -13.36 -17.14 8.10
N VAL D 144 -13.25 -17.99 9.12
CA VAL D 144 -12.09 -18.00 10.01
C VAL D 144 -11.50 -19.40 10.01
N THR D 145 -10.22 -19.49 9.72
CA THR D 145 -9.55 -20.78 9.78
C THR D 145 -8.50 -20.70 10.87
N ILE D 146 -8.32 -21.78 11.62
CA ILE D 146 -7.37 -21.83 12.70
C ILE D 146 -6.34 -22.94 12.57
N ALA D 147 -5.14 -22.68 13.05
CA ALA D 147 -4.11 -23.70 13.12
C ALA D 147 -3.54 -23.70 14.53
N THR D 148 -3.39 -24.88 15.11
CA THR D 148 -3.03 -24.99 16.52
C THR D 148 -1.53 -25.23 16.77
N LEU D 149 -0.98 -24.53 17.75
CA LEU D 149 0.40 -24.81 18.17
C LEU D 149 0.54 -24.86 19.68
N ALA D 150 0.95 -26.01 20.19
CA ALA D 150 1.15 -26.22 21.62
C ALA D 150 2.25 -27.24 21.86
N GLN D 151 2.65 -27.42 23.11
CA GLN D 151 3.67 -28.40 23.47
C GLN D 151 3.09 -29.80 23.50
N ASP D 152 3.92 -30.80 23.21
CA ASP D 152 3.44 -32.18 23.19
C ASP D 152 3.57 -32.86 24.56
N TYR D 153 2.79 -32.33 25.52
CA TYR D 153 2.59 -32.98 26.82
C TYR D 153 1.15 -32.73 27.30
N ALA D 154 0.88 -33.06 28.57
CA ALA D 154 -0.50 -33.12 29.05
C ALA D 154 -1.36 -31.88 28.77
N PHE D 155 -1.00 -30.74 29.36
CA PHE D 155 -1.91 -29.59 29.34
C PHE D 155 -1.80 -28.70 28.11
N GLY D 156 -0.90 -29.04 27.20
CA GLY D 156 -0.96 -28.49 25.87
C GLY D 156 -2.16 -29.13 25.19
N ARG D 157 -2.13 -30.46 25.14
CA ARG D 157 -3.15 -31.24 24.45
C ARG D 157 -4.54 -31.11 25.09
N ASP D 158 -4.58 -30.85 26.39
CA ASP D 158 -5.85 -30.63 27.07
C ASP D 158 -6.34 -29.22 26.77
N GLY D 159 -5.42 -28.27 26.91
CA GLY D 159 -5.75 -26.88 26.63
C GLY D 159 -6.30 -26.74 25.24
N VAL D 160 -5.76 -27.54 24.33
CA VAL D 160 -6.20 -27.51 22.94
C VAL D 160 -7.58 -28.14 22.83
N ALA D 161 -7.86 -29.13 23.66
CA ALA D 161 -9.22 -29.69 23.69
C ALA D 161 -10.18 -28.61 24.14
N ALA D 162 -9.87 -27.98 25.26
CA ALA D 162 -10.65 -26.87 25.78
C ALA D 162 -10.95 -25.90 24.66
N PHE D 163 -9.89 -25.49 23.97
CA PHE D 163 -10.02 -24.57 22.86
C PHE D 163 -10.89 -25.13 21.73
N LYS D 164 -10.71 -26.43 21.45
CA LYS D 164 -11.50 -27.08 20.41
C LYS D 164 -12.96 -27.08 20.79
N GLU D 165 -13.21 -27.20 22.09
CA GLU D 165 -14.57 -27.21 22.59
C GLU D 165 -15.19 -25.85 22.37
N ALA D 166 -14.43 -24.80 22.69
CA ALA D 166 -14.87 -23.42 22.47
C ALA D 166 -15.02 -23.11 20.98
N LEU D 167 -13.99 -23.42 20.21
CA LEU D 167 -14.00 -23.08 18.80
C LEU D 167 -15.16 -23.72 18.05
N ALA D 168 -15.71 -24.80 18.63
CA ALA D 168 -16.74 -25.57 17.94
C ALA D 168 -18.15 -24.98 18.05
N LYS D 169 -18.29 -23.95 18.88
CA LYS D 169 -19.57 -23.24 19.00
C LYS D 169 -19.51 -22.00 18.12
N THR D 170 -18.52 -22.03 17.21
CA THR D 170 -18.08 -20.84 16.50
C THR D 170 -18.43 -20.73 15.00
N GLY D 171 -18.08 -21.76 14.22
CA GLY D 171 -18.27 -21.66 12.78
C GLY D 171 -16.96 -21.59 12.02
N ALA D 172 -15.85 -21.62 12.76
CA ALA D 172 -14.52 -21.62 12.15
C ALA D 172 -14.07 -23.04 11.96
N THR D 173 -12.99 -23.22 11.21
CA THR D 173 -12.49 -24.55 10.92
C THR D 173 -11.12 -24.71 11.56
N LEU D 174 -10.86 -25.88 12.14
CA LEU D 174 -9.55 -26.20 12.63
C LEU D 174 -8.87 -27.11 11.62
N ALA D 175 -8.04 -26.51 10.78
CA ALA D 175 -7.39 -27.26 9.69
C ALA D 175 -6.21 -28.14 10.16
N THR D 176 -5.60 -27.82 11.28
CA THR D 176 -4.42 -28.57 11.68
C THR D 176 -4.01 -28.33 13.12
N GLU D 177 -3.39 -29.34 13.72
CA GLU D 177 -2.91 -29.24 15.08
C GLU D 177 -1.47 -29.72 15.14
N GLU D 178 -0.58 -28.80 15.52
CA GLU D 178 0.83 -29.11 15.56
C GLU D 178 1.36 -29.21 16.98
N TYR D 179 1.97 -30.35 17.29
CA TYR D 179 2.48 -30.62 18.62
C TYR D 179 4.00 -30.84 18.61
N VAL D 180 4.74 -29.79 18.95
CA VAL D 180 6.17 -29.89 19.13
C VAL D 180 6.46 -30.01 20.62
N PRO D 181 7.65 -30.49 20.97
CA PRO D 181 7.99 -30.46 22.39
C PRO D 181 8.63 -29.14 22.85
N THR D 182 8.92 -29.07 24.15
CA THR D 182 9.82 -28.07 24.68
C THR D 182 10.80 -28.84 25.54
N THR D 188 10.31 -23.11 13.28
CA THR D 188 10.78 -22.97 11.89
C THR D 188 10.19 -23.99 10.95
N ALA D 189 10.47 -25.27 11.18
CA ALA D 189 9.83 -26.33 10.43
C ALA D 189 8.38 -26.41 10.87
N VAL D 190 8.14 -26.03 12.13
CA VAL D 190 6.80 -26.10 12.67
C VAL D 190 5.94 -25.03 12.02
N GLY D 191 6.45 -23.81 12.02
CA GLY D 191 5.70 -22.67 11.54
C GLY D 191 5.70 -22.68 10.04
N GLN D 192 6.37 -23.68 9.47
CA GLN D 192 6.39 -23.83 8.03
C GLN D 192 5.21 -24.71 7.68
N ARG D 193 5.08 -25.79 8.42
CA ARG D 193 3.92 -26.65 8.36
C ARG D 193 2.68 -25.79 8.58
N LEU D 194 2.75 -24.93 9.59
CA LEU D 194 1.67 -24.00 9.95
C LEU D 194 1.25 -23.08 8.81
N PHE D 195 2.21 -22.40 8.21
CA PHE D 195 1.97 -21.51 7.08
C PHE D 195 1.34 -22.25 5.89
N ASP D 196 1.88 -23.42 5.56
CA ASP D 196 1.43 -24.21 4.42
C ASP D 196 0.00 -24.67 4.62
N ALA D 197 -0.40 -24.81 5.87
CA ALA D 197 -1.72 -25.30 6.20
C ALA D 197 -2.79 -24.23 6.01
N LEU D 198 -2.38 -22.97 5.97
CA LEU D 198 -3.31 -21.85 5.89
C LEU D 198 -3.18 -21.01 4.61
N LYS D 199 -2.08 -21.18 3.88
CA LYS D 199 -1.69 -20.28 2.78
C LYS D 199 -2.82 -19.63 1.99
N ASP D 200 -3.55 -20.42 1.22
CA ASP D 200 -4.38 -19.83 0.19
C ASP D 200 -5.87 -19.94 0.47
N LYS D 201 -6.21 -20.03 1.74
CA LYS D 201 -7.60 -20.05 2.17
C LYS D 201 -8.10 -18.62 2.33
N PRO D 202 -9.41 -18.41 2.13
CA PRO D 202 -10.08 -17.17 2.52
C PRO D 202 -10.95 -17.49 3.73
N GLY D 203 -11.16 -16.54 4.63
CA GLY D 203 -10.51 -15.25 4.61
C GLY D 203 -9.45 -15.28 5.70
N LYS D 204 -9.89 -15.22 6.95
CA LYS D 204 -8.95 -15.17 8.08
C LYS D 204 -8.21 -16.48 8.34
N LYS D 205 -6.90 -16.35 8.53
CA LYS D 205 -5.99 -17.47 8.73
C LYS D 205 -5.18 -17.17 9.99
N ILE D 206 -5.37 -18.01 11.00
CA ILE D 206 -4.86 -17.71 12.34
C ILE D 206 -4.14 -18.90 12.96
N ILE D 207 -2.93 -18.66 13.44
CA ILE D 207 -2.23 -19.66 14.26
C ILE D 207 -2.50 -19.37 15.73
N TRP D 208 -3.11 -20.33 16.41
CA TRP D 208 -3.44 -20.19 17.81
C TRP D 208 -2.40 -20.89 18.69
N VAL D 209 -1.71 -20.13 19.51
CA VAL D 209 -0.60 -20.68 20.28
C VAL D 209 -0.93 -20.86 21.75
N ILE D 210 -0.84 -22.09 22.23
CA ILE D 210 -1.03 -22.41 23.64
C ILE D 210 0.29 -22.95 24.22
N TRP D 211 0.80 -22.27 25.25
CA TRP D 211 2.18 -22.52 25.67
C TRP D 211 2.44 -22.15 27.13
N PRO D 217 7.54 -18.75 21.54
CA PRO D 217 7.11 -19.31 20.25
C PRO D 217 6.54 -18.20 19.40
N LEU D 218 5.54 -17.50 19.94
CA LEU D 218 4.93 -16.35 19.28
C LEU D 218 6.00 -15.59 18.53
N THR D 219 7.08 -15.28 19.24
CA THR D 219 8.14 -14.43 18.74
C THR D 219 8.88 -15.05 17.56
N LYS D 220 9.17 -16.35 17.66
CA LYS D 220 9.86 -17.03 16.58
C LYS D 220 9.04 -17.00 15.30
N LEU D 221 7.77 -17.38 15.40
CA LEU D 221 6.85 -17.29 14.27
C LEU D 221 6.83 -15.89 13.68
N GLN D 222 6.79 -14.90 14.54
CA GLN D 222 6.74 -13.51 14.09
C GLN D 222 7.98 -13.11 13.31
N ASP D 223 9.12 -13.67 13.71
CA ASP D 223 10.39 -13.42 13.03
C ASP D 223 10.29 -13.84 11.56
N ASP D 225 7.62 -13.53 9.73
CA ASP D 225 6.69 -12.67 9.01
C ASP D 225 5.57 -13.47 8.38
N PRO D 226 4.55 -13.81 9.17
CA PRO D 226 3.37 -14.48 8.64
C PRO D 226 2.55 -13.58 7.71
N LYS D 227 2.63 -12.26 7.88
CA LYS D 227 1.77 -11.36 7.12
C LYS D 227 1.86 -11.65 5.62
N ARG D 228 2.91 -12.35 5.23
CA ARG D 228 3.19 -12.55 3.82
C ARG D 228 2.45 -13.77 3.31
N TYR D 229 1.71 -14.41 4.21
CA TYR D 229 0.79 -15.49 3.88
C TYR D 229 -0.61 -15.01 4.23
N GLY D 230 -0.69 -13.78 4.72
CA GLY D 230 -1.93 -13.25 5.23
C GLY D 230 -2.31 -13.89 6.54
N ILE D 231 -1.32 -14.42 7.27
CA ILE D 231 -1.58 -15.14 8.52
C ILE D 231 -1.33 -14.28 9.73
N GLU D 232 -2.19 -14.43 10.74
CA GLU D 232 -2.07 -13.67 11.97
C GLU D 232 -1.83 -14.63 13.12
N LEU D 233 -1.41 -14.09 14.25
CA LEU D 233 -1.11 -14.91 15.42
C LEU D 233 -2.06 -14.59 16.57
N SER D 234 -2.03 -15.45 17.60
CA SER D 234 -2.88 -15.28 18.77
C SER D 234 -2.60 -13.94 19.42
N THR D 235 -1.34 -13.69 19.73
CA THR D 235 -0.95 -12.34 20.07
C THR D 235 -1.32 -11.51 18.86
N GLY D 236 -2.07 -10.43 19.08
CA GLY D 236 -2.55 -9.64 17.96
C GLY D 236 -3.67 -8.72 18.38
N GLY D 237 -3.93 -7.73 17.55
CA GLY D 237 -4.92 -6.72 17.87
C GLY D 237 -6.17 -6.88 17.04
N ASN D 238 -7.18 -7.49 17.63
CA ASN D 238 -8.48 -7.69 16.98
C ASN D 238 -8.39 -8.59 15.74
N ILE D 239 -7.93 -9.82 15.98
CA ILE D 239 -7.69 -10.78 14.91
C ILE D 239 -8.90 -11.64 14.66
N LEU D 240 -9.90 -11.52 15.52
CA LEU D 240 -11.09 -12.33 15.35
C LEU D 240 -12.27 -11.46 14.99
N PRO D 241 -13.24 -12.03 14.27
CA PRO D 241 -14.40 -11.19 13.96
C PRO D 241 -15.07 -10.71 15.25
N ALA D 242 -15.81 -9.62 15.16
CA ALA D 242 -16.48 -9.05 16.33
C ALA D 242 -17.84 -9.71 16.59
N LEU D 243 -17.84 -11.03 16.68
CA LEU D 243 -19.00 -11.80 17.10
C LEU D 243 -18.81 -12.30 18.53
N ALA D 244 -19.91 -12.40 19.28
CA ALA D 244 -19.85 -12.75 20.70
C ALA D 244 -19.28 -14.14 20.94
N ALA D 245 -19.46 -15.01 19.96
CA ALA D 245 -18.97 -16.38 20.03
C ALA D 245 -17.43 -16.45 20.16
N TYR D 246 -16.74 -15.60 19.41
CA TYR D 246 -15.27 -15.54 19.41
C TYR D 246 -14.73 -14.80 20.63
N LYS D 247 -15.50 -13.83 21.10
CA LYS D 247 -15.09 -13.03 22.25
C LYS D 247 -15.09 -13.85 23.53
N GLU D 253 -11.52 -12.41 25.82
CA GLU D 253 -12.51 -11.41 26.25
C GLU D 253 -12.36 -10.11 25.47
N GLY D 254 -13.17 -9.10 25.79
CA GLY D 254 -12.98 -7.76 25.26
C GLY D 254 -13.72 -7.35 24.00
N ALA D 255 -14.10 -6.07 23.93
CA ALA D 255 -14.78 -5.50 22.77
C ALA D 255 -13.77 -5.10 21.72
N THR D 256 -14.24 -4.97 20.48
CA THR D 256 -13.38 -4.61 19.36
C THR D 256 -13.54 -3.12 19.00
N TYR D 257 -12.43 -2.40 18.98
CA TYR D 257 -12.48 -0.95 18.79
C TYR D 257 -11.64 -0.51 17.60
N TYR D 258 -12.18 0.45 16.85
CA TYR D 258 -11.37 1.20 15.89
C TYR D 258 -10.92 2.51 16.54
N TYR D 259 -9.62 2.69 16.66
CA TYR D 259 -9.11 3.88 17.32
C TYR D 259 -8.74 4.97 16.33
N TYR D 260 -9.15 6.21 16.62
CA TYR D 260 -8.79 7.34 15.76
C TYR D 260 -8.54 8.64 16.54
N ASP D 261 -7.88 9.59 15.88
CA ASP D 261 -7.52 10.84 16.55
C ASP D 261 -8.14 12.07 15.88
N ILE D 262 -8.43 13.08 16.69
CA ILE D 262 -9.03 14.31 16.17
C ILE D 262 -8.26 15.52 16.65
N PRO D 263 -7.96 16.43 15.72
CA PRO D 263 -7.39 17.75 16.00
C PRO D 263 -8.30 18.52 16.94
N LYS D 264 -7.79 18.85 18.13
CA LYS D 264 -8.55 19.59 19.13
C LYS D 264 -9.14 20.88 18.57
N ASN D 265 -10.37 21.17 18.95
CA ASN D 265 -10.98 22.46 18.66
C ASN D 265 -11.91 22.91 19.79
N PRO D 266 -12.43 24.14 19.72
CA PRO D 266 -13.34 24.59 20.78
C PRO D 266 -14.54 23.68 21.01
N ILE D 267 -15.01 22.99 19.98
CA ILE D 267 -16.14 22.07 20.16
C ILE D 267 -15.71 20.70 20.73
N ASN D 268 -14.75 20.06 20.09
CA ASN D 268 -14.02 18.97 20.70
C ASN D 268 -13.98 19.11 22.21
N GLU D 269 -13.22 20.12 22.64
CA GLU D 269 -12.96 20.43 24.04
C GLU D 269 -14.22 20.52 24.89
N TRP D 270 -15.20 21.29 24.45
CA TRP D 270 -16.43 21.36 25.22
C TRP D 270 -17.01 19.96 25.37
N LEU D 271 -17.15 19.27 24.26
CA LEU D 271 -17.77 17.95 24.26
C LEU D 271 -17.04 16.99 25.18
N VAL D 272 -15.77 16.76 24.88
CA VAL D 272 -14.96 15.81 25.61
C VAL D 272 -14.99 16.10 27.10
N THR D 273 -14.69 17.34 27.45
CA THR D 273 -14.66 17.80 28.84
C THR D 273 -15.96 17.54 29.57
N GLU D 274 -17.08 18.00 29.01
CA GLU D 274 -18.40 17.90 29.64
C GLU D 274 -18.91 16.47 29.72
N HIS D 275 -18.93 15.77 28.59
CA HIS D 275 -19.31 14.37 28.57
C HIS D 275 -18.48 13.56 29.58
N GLN D 276 -17.24 14.00 29.81
CA GLN D 276 -16.35 13.33 30.74
C GLN D 276 -16.72 13.70 32.17
N LYS D 277 -17.21 14.93 32.35
CA LYS D 277 -17.65 15.40 33.66
C LYS D 277 -19.01 14.83 34.03
N ARG D 278 -19.85 14.60 33.01
CA ARG D 278 -21.22 14.15 33.24
C ARG D 278 -21.32 12.62 33.32
N PHE D 279 -20.55 11.93 32.49
CA PHE D 279 -20.72 10.49 32.31
C PHE D 279 -19.48 9.68 32.68
N ASN D 280 -18.48 10.37 33.21
CA ASN D 280 -17.22 9.73 33.60
C ASN D 280 -16.68 8.77 32.54
N ALA D 281 -16.86 9.13 31.28
CA ALA D 281 -16.33 8.35 30.15
C ALA D 281 -16.31 9.24 28.93
N PRO D 282 -15.38 8.99 28.00
CA PRO D 282 -15.12 9.82 26.81
C PRO D 282 -16.32 9.86 25.91
N PRO D 283 -16.40 10.84 25.00
CA PRO D 283 -17.47 10.72 24.01
C PRO D 283 -16.99 9.76 22.93
N ASP D 284 -17.90 9.26 22.11
CA ASP D 284 -17.49 8.35 21.05
C ASP D 284 -17.95 8.86 19.70
N PHE D 285 -17.70 8.05 18.66
CA PHE D 285 -18.06 8.37 17.29
C PHE D 285 -19.53 8.76 17.15
N PHE D 286 -20.39 8.06 17.89
CA PHE D 286 -21.83 8.25 17.74
C PHE D 286 -22.31 9.46 18.51
N THR D 287 -21.59 9.81 19.57
CA THR D 287 -21.93 11.00 20.32
C THR D 287 -21.61 12.21 19.48
N ALA D 288 -20.44 12.20 18.85
CA ALA D 288 -20.01 13.33 18.06
C ALA D 288 -20.91 13.43 16.83
N GLY D 289 -21.31 12.28 16.31
CA GLY D 289 -22.22 12.23 15.18
C GLY D 289 -23.54 12.93 15.49
N GLY D 290 -24.13 12.58 16.62
CA GLY D 290 -25.35 13.24 17.08
C GLY D 290 -25.10 14.72 17.29
N PHE D 291 -23.90 15.07 17.74
CA PHE D 291 -23.53 16.47 17.92
C PHE D 291 -23.55 17.20 16.59
N SER D 292 -22.87 16.65 15.59
CA SER D 292 -22.83 17.25 14.25
C SER D 292 -24.22 17.48 13.67
N ALA D 293 -25.09 16.46 13.78
CA ALA D 293 -26.48 16.56 13.34
C ALA D 293 -27.18 17.76 13.99
N ALA D 294 -27.03 17.89 15.29
CA ALA D 294 -27.58 19.01 16.03
C ALA D 294 -27.02 20.33 15.52
N ALA D 296 -25.90 20.95 12.46
CA ALA D 296 -26.37 21.24 11.12
C ALA D 296 -27.67 21.98 11.24
N VAL D 297 -28.52 21.52 12.16
CA VAL D 297 -29.87 22.04 12.27
C VAL D 297 -29.86 23.47 12.81
N VAL D 298 -29.22 23.67 13.94
CA VAL D 298 -29.20 24.98 14.56
C VAL D 298 -28.57 26.02 13.65
N THR D 299 -27.45 25.66 13.02
CA THR D 299 -26.81 26.51 12.03
C THR D 299 -27.77 26.82 10.90
N ALA D 300 -28.37 25.79 10.36
CA ALA D 300 -29.33 25.93 9.26
C ALA D 300 -30.51 26.84 9.62
N VAL D 301 -31.18 26.57 10.73
CA VAL D 301 -32.34 27.34 11.15
C VAL D 301 -31.99 28.79 11.57
N GLN D 302 -30.75 29.02 12.00
CA GLN D 302 -30.32 30.39 12.24
C GLN D 302 -30.10 31.08 10.92
N LYS D 303 -29.53 30.37 9.96
CA LYS D 303 -29.17 30.95 8.67
C LYS D 303 -30.40 31.22 7.81
N ALA D 304 -31.38 30.34 7.88
CA ALA D 304 -32.61 30.51 7.13
C ALA D 304 -33.52 31.57 7.75
N LYS D 305 -33.51 31.68 9.07
CA LYS D 305 -34.44 32.53 9.81
C LYS D 305 -35.86 31.98 9.74
N SER D 306 -35.99 30.70 9.43
CA SER D 306 -37.30 30.04 9.45
C SER D 306 -37.15 28.53 9.65
N THR D 307 -38.28 27.85 9.79
CA THR D 307 -38.26 26.39 9.87
C THR D 307 -38.97 25.79 8.66
N ASP D 308 -39.18 26.63 7.64
CA ASP D 308 -39.79 26.17 6.40
C ASP D 308 -38.88 25.23 5.65
N THR D 309 -39.37 24.03 5.35
CA THR D 309 -38.60 23.06 4.57
C THR D 309 -37.83 23.72 3.43
N GLU D 310 -38.54 24.44 2.56
CA GLU D 310 -37.94 25.00 1.35
C GLU D 310 -36.82 25.97 1.63
N LYS D 311 -37.03 26.90 2.55
CA LYS D 311 -36.01 27.88 2.89
C LYS D 311 -34.84 27.20 3.61
N LEU D 312 -35.10 26.02 4.17
CA LEU D 312 -34.06 25.26 4.84
C LEU D 312 -33.16 24.53 3.82
N ILE D 313 -33.78 23.85 2.87
CA ILE D 313 -33.00 23.18 1.84
C ILE D 313 -32.08 24.21 1.17
N ALA D 314 -32.60 25.42 0.96
CA ALA D 314 -31.82 26.44 0.32
C ALA D 314 -30.61 26.86 1.16
N ALA D 315 -30.84 27.04 2.46
CA ALA D 315 -29.79 27.51 3.36
C ALA D 315 -28.69 26.46 3.52
N GLU D 317 -27.69 23.96 1.45
CA GLU D 317 -26.82 23.73 0.31
C GLU D 317 -25.67 24.71 0.35
N GLY D 318 -24.45 24.18 0.30
CA GLY D 318 -23.25 25.00 0.30
C GLY D 318 -22.94 25.57 1.67
N GLU D 320 -21.68 25.90 5.40
CA GLU D 320 -20.68 25.41 6.32
C GLU D 320 -21.21 25.45 7.74
N PHE D 321 -20.82 24.45 8.53
CA PHE D 321 -21.20 24.41 9.93
C PHE D 321 -20.07 23.74 10.70
N ASP D 322 -19.89 24.14 11.95
CA ASP D 322 -18.84 23.58 12.81
C ASP D 322 -19.30 22.33 13.56
N THR D 323 -18.48 21.30 13.57
CA THR D 323 -18.80 20.08 14.29
C THR D 323 -17.62 19.68 15.14
N PRO D 324 -17.83 18.73 16.04
CA PRO D 324 -16.78 18.23 16.93
C PRO D 324 -15.51 17.81 16.21
N LYS D 325 -15.55 17.69 14.88
CA LYS D 325 -14.36 17.28 14.14
C LYS D 325 -13.88 18.34 13.16
N GLY D 326 -14.44 19.55 13.27
CA GLY D 326 -14.05 20.64 12.40
C GLY D 326 -15.19 21.14 11.54
N LYS D 327 -14.85 21.93 10.51
CA LYS D 327 -15.82 22.63 9.68
C LYS D 327 -16.26 21.75 8.53
N VAL D 329 -19.12 21.32 5.21
CA VAL D 329 -20.00 22.02 4.30
C VAL D 329 -20.88 20.98 3.57
N PHE D 330 -22.14 21.31 3.35
CA PHE D 330 -23.01 20.44 2.55
C PHE D 330 -22.80 20.76 1.07
N ARG D 331 -22.39 19.75 0.30
CA ARG D 331 -22.29 19.90 -1.15
C ARG D 331 -23.69 19.96 -1.77
N LYS D 332 -23.93 20.96 -2.63
CA LYS D 332 -25.26 21.16 -3.20
C LYS D 332 -25.67 19.96 -4.04
N GLU D 333 -24.81 19.56 -4.96
CA GLU D 333 -25.12 18.54 -5.96
C GLU D 333 -25.63 17.21 -5.40
N ASP D 334 -25.26 16.85 -4.18
CA ASP D 334 -25.69 15.57 -3.64
C ASP D 334 -26.04 15.60 -2.16
N HIS D 335 -26.12 16.81 -1.59
CA HIS D 335 -26.49 16.97 -0.19
C HIS D 335 -25.59 16.20 0.78
N GLN D 336 -24.32 16.03 0.38
CA GLN D 336 -23.36 15.28 1.17
C GLN D 336 -22.48 16.20 2.02
N ALA D 337 -22.30 15.84 3.29
CA ALA D 337 -21.40 16.57 4.17
C ALA D 337 -19.95 16.23 3.85
N LEU D 338 -19.11 17.24 3.77
CA LEU D 338 -17.68 17.02 3.51
C LEU D 338 -16.85 17.92 4.43
N GLN D 339 -15.85 17.32 5.06
CA GLN D 339 -14.83 18.08 5.75
C GLN D 339 -14.48 19.30 4.88
N SER D 340 -14.69 20.50 5.40
CA SER D 340 -14.42 21.73 4.66
C SER D 340 -12.92 22.07 4.68
N TYR D 342 -9.02 23.84 3.13
CA TYR D 342 -8.21 24.77 2.34
C TYR D 342 -7.11 23.98 1.67
N HIS D 343 -6.81 24.33 0.43
CA HIS D 343 -5.78 23.63 -0.32
C HIS D 343 -4.46 24.37 -0.24
N PHE D 344 -3.43 23.63 0.16
CA PHE D 344 -2.09 24.18 0.28
C PHE D 344 -1.19 23.32 -0.57
N LYS D 345 -0.13 23.92 -1.09
CA LYS D 345 0.82 23.19 -1.91
C LYS D 345 2.22 23.63 -1.56
N VAL D 346 3.19 22.80 -1.91
CA VAL D 346 4.59 23.19 -1.81
C VAL D 346 5.32 22.93 -3.12
N LYS D 347 6.24 23.84 -3.46
CA LYS D 347 7.05 23.72 -4.67
C LYS D 347 8.38 23.11 -4.26
N VAL D 348 8.78 22.03 -4.91
CA VAL D 348 9.95 21.28 -4.47
C VAL D 348 11.21 21.50 -5.29
N ASP D 349 11.10 22.14 -6.44
CA ASP D 349 12.25 22.32 -7.33
C ASP D 349 13.44 22.92 -6.62
N PRO D 350 13.25 24.07 -5.94
CA PRO D 350 14.34 24.72 -5.22
C PRO D 350 15.15 23.80 -4.32
N ALA D 351 14.50 22.89 -3.61
CA ALA D 351 15.17 22.08 -2.59
C ALA D 351 15.85 20.85 -3.18
N VAL D 352 15.37 20.42 -4.33
CA VAL D 352 15.95 19.32 -5.06
C VAL D 352 17.15 19.89 -5.78
N ALA D 353 16.91 20.98 -6.50
CA ALA D 353 17.99 21.69 -7.17
C ALA D 353 19.06 21.93 -6.12
N TRP D 354 18.64 22.22 -4.90
CA TRP D 354 19.58 22.40 -3.80
C TRP D 354 20.29 21.09 -3.52
N ALA D 355 19.53 20.12 -3.04
CA ALA D 355 20.05 18.80 -2.69
C ALA D 355 21.10 18.26 -3.66
N VAL D 356 20.93 18.54 -4.96
CA VAL D 356 21.83 17.99 -5.96
C VAL D 356 23.14 18.77 -5.95
N LEU D 357 23.06 20.05 -6.28
CA LEU D 357 24.24 20.89 -6.17
C LEU D 357 24.64 21.09 -4.71
#